data_3N4O
# 
_entry.id   3N4O 
# 
_audit_conform.dict_name       mmcif_pdbx.dic 
_audit_conform.dict_version    5.380 
_audit_conform.dict_location   http://mmcif.pdb.org/dictionaries/ascii/mmcif_pdbx.dic 
# 
loop_
_database_2.database_id 
_database_2.database_code 
_database_2.pdbx_database_accession 
_database_2.pdbx_DOI 
PDB   3N4O         pdb_00003n4o 10.2210/pdb3n4o/pdb 
NDB   NA0581       ?            ?                   
RCSB  RCSB059375   ?            ?                   
WWPDB D_1000059375 ?            ?                   
# 
loop_
_pdbx_database_related.db_name 
_pdbx_database_related.db_id 
_pdbx_database_related.details 
_pdbx_database_related.content_type 
PDB 3GJJ . unspecified 
PDB 3N4N . unspecified 
# 
_pdbx_database_status.status_code                     REL 
_pdbx_database_status.entry_id                        3N4O 
_pdbx_database_status.recvd_initial_deposition_date   2010-05-22 
_pdbx_database_status.deposit_site                    RCSB 
_pdbx_database_status.process_site                    PDBJ 
_pdbx_database_status.status_code_sf                  REL 
_pdbx_database_status.status_code_mr                  ? 
_pdbx_database_status.SG_entry                        ? 
_pdbx_database_status.pdb_format_compatible           Y 
_pdbx_database_status.status_code_cs                  ? 
_pdbx_database_status.status_code_nmr_data            ? 
_pdbx_database_status.methods_development_category    ? 
# 
loop_
_audit_author.name 
_audit_author.pdbx_ordinal 
'Takenaka, A.' 1 
'Juan, E.C.M.' 2 
'Shimizu, S.'  3 
# 
_citation.id                        primary 
_citation.title                     
;Insights into the DNA stabilizing contributions of a bicyclic cytosine analogue: crystal structures of DNA duplexes containing 7,8-dihydropyrido [2,3-d]pyrimidin-2-one.
;
_citation.journal_abbrev            'Nucleic Acids Res.' 
_citation.journal_volume            ? 
_citation.page_first                ? 
_citation.page_last                 ? 
_citation.year                      2010 
_citation.journal_id_ASTM           NARHAD 
_citation.country                   UK 
_citation.journal_id_ISSN           1362-4962 
_citation.journal_id_CSD            0389 
_citation.book_publisher            ? 
_citation.pdbx_database_id_PubMed   20554855 
_citation.pdbx_database_id_DOI      10.1093/nar/gkq519 
# 
loop_
_citation_author.citation_id 
_citation_author.name 
_citation_author.ordinal 
_citation_author.identifier_ORCID 
primary 'Juan, E.C.M.'     1  ? 
primary 'Shimizu, S.'      2  ? 
primary 'Ma, X.'           3  ? 
primary 'Kurose, T.'       4  ? 
primary 'Haraguchi, T.'    5  ? 
primary 'Zhang, F.'        6  ? 
primary 'Tsunoda, M.'      7  ? 
primary 'Ohkubo, A.'       8  ? 
primary 'Sekine, M.'       9  ? 
primary 'Shibata, T.'      10 ? 
primary 'Millington, C.L.' 11 ? 
primary 'Williams, D.M.'   12 ? 
primary 'Takenaka, A.'     13 ? 
# 
_cell.entry_id           3N4O 
_cell.length_a           25.030 
_cell.length_b           41.659 
_cell.length_c           64.569 
_cell.angle_alpha        90.00 
_cell.angle_beta         90.00 
_cell.angle_gamma        90.00 
_cell.Z_PDB              8 
_cell.pdbx_unique_axis   ? 
_cell.length_a_esd       ? 
_cell.length_b_esd       ? 
_cell.length_c_esd       ? 
_cell.angle_alpha_esd    ? 
_cell.angle_beta_esd     ? 
_cell.angle_gamma_esd    ? 
# 
_symmetry.entry_id                         3N4O 
_symmetry.space_group_name_H-M             'P 21 21 21' 
_symmetry.pdbx_full_space_group_name_H-M   ? 
_symmetry.cell_setting                     ? 
_symmetry.Int_Tables_number                19 
_symmetry.space_group_name_Hall            ? 
# 
loop_
_entity.id 
_entity.type 
_entity.src_method 
_entity.pdbx_description 
_entity.formula_weight 
_entity.pdbx_number_of_molecules 
_entity.pdbx_ec 
_entity.pdbx_mutation 
_entity.pdbx_fragment 
_entity.details 
1 polymer     syn "5'-D(*CP*GP*CP*GP*AP*AP*TP*(B7C)P*CP*GP*CP*G)-3'"                      3686.429 2  ? ? ? ? 
2 non-polymer syn "2'-(4-HYDROXYPHENYL)-5-(4-METHYL-1-PIPERAZINYL)-2,5'-BI-BENZIMIDAZOLE" 424.498  1  ? ? ? ? 
3 water       nat water                                                                   18.015   30 ? ? ? ? 
# 
_entity_poly.entity_id                      1 
_entity_poly.type                           polydeoxyribonucleotide 
_entity_poly.nstd_linkage                   no 
_entity_poly.nstd_monomer                   yes 
_entity_poly.pdbx_seq_one_letter_code       '(DC)(DG)(DC)(DG)(DA)(DA)(DT)(B7C)(DC)(DG)(DC)(DG)' 
_entity_poly.pdbx_seq_one_letter_code_can   CGCGAATXCGCG 
_entity_poly.pdbx_strand_id                 D,E 
_entity_poly.pdbx_target_identifier         ? 
# 
loop_
_entity_poly_seq.entity_id 
_entity_poly_seq.num 
_entity_poly_seq.mon_id 
_entity_poly_seq.hetero 
1 1  DC  n 
1 2  DG  n 
1 3  DC  n 
1 4  DG  n 
1 5  DA  n 
1 6  DA  n 
1 7  DT  n 
1 8  B7C n 
1 9  DC  n 
1 10 DG  n 
1 11 DC  n 
1 12 DG  n 
# 
_struct_ref.id                         1 
_struct_ref.db_name                    PDB 
_struct_ref.db_code                    3N4O 
_struct_ref.pdbx_db_accession          3N4O 
_struct_ref.entity_id                  1 
_struct_ref.pdbx_db_isoform            ? 
_struct_ref.pdbx_seq_one_letter_code   ? 
_struct_ref.pdbx_align_begin           ? 
# 
loop_
_struct_ref_seq.align_id 
_struct_ref_seq.ref_id 
_struct_ref_seq.pdbx_PDB_id_code 
_struct_ref_seq.pdbx_strand_id 
_struct_ref_seq.seq_align_beg 
_struct_ref_seq.pdbx_seq_align_beg_ins_code 
_struct_ref_seq.seq_align_end 
_struct_ref_seq.pdbx_seq_align_end_ins_code 
_struct_ref_seq.pdbx_db_accession 
_struct_ref_seq.db_align_beg 
_struct_ref_seq.pdbx_db_align_beg_ins_code 
_struct_ref_seq.db_align_end 
_struct_ref_seq.pdbx_db_align_end_ins_code 
_struct_ref_seq.pdbx_auth_seq_align_beg 
_struct_ref_seq.pdbx_auth_seq_align_end 
1 1 3N4O D 1 ? 12 ? 3N4O 1  ? 12 ? 1  12 
2 1 3N4O E 1 ? 12 ? 3N4O 13 ? 24 ? 13 24 
# 
loop_
_chem_comp.id 
_chem_comp.type 
_chem_comp.mon_nstd_flag 
_chem_comp.name 
_chem_comp.pdbx_synonyms 
_chem_comp.formula 
_chem_comp.formula_weight 
B7C 'DNA linking' n '3-(2-deoxy-5-O-phosphono-beta-D-erythro-pentofuranosyl)-7,8-dihydropyrido[2,3-d]pyrimidin-2(3H)-one' ? 
'C12 H16 N3 O7 P' 345.245 
DA  'DNA linking' y "2'-DEOXYADENOSINE-5'-MONOPHOSPHATE"                                                                  ? 
'C10 H14 N5 O6 P' 331.222 
DC  'DNA linking' y "2'-DEOXYCYTIDINE-5'-MONOPHOSPHATE"                                                                   ? 
'C9 H14 N3 O7 P'  307.197 
DG  'DNA linking' y "2'-DEOXYGUANOSINE-5'-MONOPHOSPHATE"                                                                  ? 
'C10 H14 N5 O7 P' 347.221 
DT  'DNA linking' y "THYMIDINE-5'-MONOPHOSPHATE"                                                                          ? 
'C10 H15 N2 O8 P' 322.208 
HOH non-polymer   . WATER                                                                                                 ? 'H2 O' 
18.015  
HT  non-polymer   . "2'-(4-HYDROXYPHENYL)-5-(4-METHYL-1-PIPERAZINYL)-2,5'-BI-BENZIMIDAZOLE"                               
'HOECHST 33258' 'C25 H24 N6 O'    424.498 
# 
_exptl.entry_id          3N4O 
_exptl.method            'X-RAY DIFFRACTION' 
_exptl.crystals_number   1 
# 
_exptl_crystal.id                    1 
_exptl_crystal.density_meas          ? 
_exptl_crystal.density_Matthews      2.28 
_exptl_crystal.density_percent_sol   46.12 
_exptl_crystal.description           ? 
_exptl_crystal.F_000                 ? 
_exptl_crystal.preparation           ? 
# 
_exptl_crystal_grow.crystal_id      1 
_exptl_crystal_grow.method          'VAPOR DIFFUSION, HANGING DROP' 
_exptl_crystal_grow.temp            277 
_exptl_crystal_grow.temp_details    ? 
_exptl_crystal_grow.pH              6 
_exptl_crystal_grow.pdbx_details    
;0.60mM ssDNA, 20mM Sodium cacodylate (pH6.0), 6mM Spermine tetrahydrochloride, 40mM Potassium chloride, 6mM Sodium chloride, 0.2% CHAPS, 0.30mM Hoechst33258, 5% MPD 
, VAPOR DIFFUSION, HANGING DROP, temperature 277K
;
_exptl_crystal_grow.pdbx_pH_range   . 
# 
_diffrn.id                     1 
_diffrn.ambient_temp           100 
_diffrn.ambient_temp_details   ? 
_diffrn.crystal_id             1 
# 
_diffrn_detector.diffrn_id              1 
_diffrn_detector.detector               CCD 
_diffrn_detector.type                   'ADSC QUANTUM 4' 
_diffrn_detector.pdbx_collection_date   2008-01-26 
_diffrn_detector.details                mirrors 
# 
_diffrn_radiation.diffrn_id                        1 
_diffrn_radiation.wavelength_id                    1 
_diffrn_radiation.pdbx_monochromatic_or_laue_m_l   M 
_diffrn_radiation.monochromator                    ? 
_diffrn_radiation.pdbx_diffrn_protocol             'SINGLE WAVELENGTH' 
_diffrn_radiation.pdbx_scattering_type             x-ray 
# 
_diffrn_radiation_wavelength.id           1 
_diffrn_radiation_wavelength.wavelength   0.978 
_diffrn_radiation_wavelength.wt           1.0 
# 
_diffrn_source.diffrn_id                   1 
_diffrn_source.source                      SYNCHROTRON 
_diffrn_source.type                        'PHOTON FACTORY BEAMLINE BL-6A' 
_diffrn_source.pdbx_synchrotron_site       'Photon Factory' 
_diffrn_source.pdbx_synchrotron_beamline   BL-6A 
_diffrn_source.pdbx_wavelength             ? 
_diffrn_source.pdbx_wavelength_list        0.978 
# 
_reflns.entry_id                     3N4O 
_reflns.observed_criterion_sigma_I   0 
_reflns.observed_criterion_sigma_F   0 
_reflns.d_resolution_low             50 
_reflns.d_resolution_high            2.9 
_reflns.number_obs                   1714 
_reflns.number_all                   ? 
_reflns.percent_possible_obs         99.8 
_reflns.pdbx_Rmerge_I_obs            0.035 
_reflns.pdbx_Rsym_value              ? 
_reflns.pdbx_netI_over_sigmaI        69.6 
_reflns.B_iso_Wilson_estimate        ? 
_reflns.pdbx_redundancy              13.1 
_reflns.R_free_details               ? 
_reflns.limit_h_max                  ? 
_reflns.limit_h_min                  ? 
_reflns.limit_k_max                  ? 
_reflns.limit_k_min                  ? 
_reflns.limit_l_max                  ? 
_reflns.limit_l_min                  ? 
_reflns.observed_criterion_F_max     ? 
_reflns.observed_criterion_F_min     ? 
_reflns.pdbx_chi_squared             ? 
_reflns.pdbx_scaling_rejects         ? 
_reflns.pdbx_diffrn_id               1 
_reflns.pdbx_ordinal                 1 
# 
_reflns_shell.d_res_high             2.90 
_reflns_shell.d_res_low              3.00 
_reflns_shell.percent_possible_all   100 
_reflns_shell.Rmerge_I_obs           0.298 
_reflns_shell.pdbx_Rsym_value        ? 
_reflns_shell.meanI_over_sigI_obs    10.8 
_reflns_shell.pdbx_redundancy        13.5 
_reflns_shell.percent_possible_obs   ? 
_reflns_shell.number_unique_all      169 
_reflns_shell.number_measured_all    ? 
_reflns_shell.number_measured_obs    ? 
_reflns_shell.number_unique_obs      ? 
_reflns_shell.pdbx_chi_squared       ? 
_reflns_shell.pdbx_diffrn_id         ? 
_reflns_shell.pdbx_ordinal           1 
# 
_refine.entry_id                                 3N4O 
_refine.ls_number_reflns_obs                     1635 
_refine.ls_number_reflns_all                     1693 
_refine.pdbx_ls_sigma_I                          0 
_refine.pdbx_ls_sigma_F                          0.0 
_refine.pdbx_data_cutoff_high_absF               1235175.42 
_refine.pdbx_data_cutoff_low_absF                0.000000 
_refine.pdbx_data_cutoff_high_rms_absF           ? 
_refine.ls_d_res_low                             9.89 
_refine.ls_d_res_high                            2.90 
_refine.ls_percent_reflns_obs                    99.9 
_refine.ls_R_factor_obs                          0.254 
_refine.ls_R_factor_all                          0.259 
_refine.ls_R_factor_R_work                       0.232 
_refine.ls_R_factor_R_free                       0.297 
_refine.ls_R_factor_R_free_error                 0.023 
_refine.ls_R_factor_R_free_error_details         ? 
_refine.ls_percent_reflns_R_free                 9.8 
_refine.ls_number_reflns_R_free                  161 
_refine.ls_number_parameters                     ? 
_refine.ls_number_restraints                     ? 
_refine.occupancy_min                            ? 
_refine.occupancy_max                            ? 
_refine.correlation_coeff_Fo_to_Fc               ? 
_refine.correlation_coeff_Fo_to_Fc_free          ? 
_refine.B_iso_mean                               44.4 
_refine.aniso_B[1][1]                            0.00 
_refine.aniso_B[2][2]                            0.00 
_refine.aniso_B[3][3]                            0.00 
_refine.aniso_B[1][2]                            0.00 
_refine.aniso_B[1][3]                            0.00 
_refine.aniso_B[2][3]                            0.00 
_refine.solvent_model_details                    'FLAT MODEL' 
_refine.solvent_model_param_ksol                 0.35 
_refine.solvent_model_param_bsol                 63.8396 
_refine.pdbx_solvent_vdw_probe_radii             ? 
_refine.pdbx_solvent_ion_probe_radii             ? 
_refine.pdbx_solvent_shrinkage_radii             ? 
_refine.pdbx_ls_cross_valid_method               THROUGHOUT 
_refine.details                                  'Used weighted full matrix least squares procedure' 
_refine.pdbx_starting_model                      1DNH 
_refine.pdbx_method_to_determine_struct          'MOLECULAR REPLACEMENT' 
_refine.pdbx_isotropic_thermal_model             Isotropic 
_refine.pdbx_stereochemistry_target_values       'Engh & Huber' 
_refine.pdbx_stereochem_target_val_spec_case     ? 
_refine.pdbx_R_Free_selection_details            RANDOM 
_refine.pdbx_overall_ESU_R_Free                  ? 
_refine.overall_SU_ML                            ? 
_refine.overall_SU_B                             ? 
_refine.overall_SU_R_Cruickshank_DPI             ? 
_refine.ls_redundancy_reflns_obs                 ? 
_refine.B_iso_min                                ? 
_refine.B_iso_max                                ? 
_refine.overall_SU_R_free                        ? 
_refine.ls_wR_factor_R_free                      ? 
_refine.ls_wR_factor_R_work                      ? 
_refine.overall_FOM_free_R_set                   ? 
_refine.overall_FOM_work_R_set                   ? 
_refine.pdbx_refine_id                           'X-RAY DIFFRACTION' 
_refine.pdbx_overall_phase_error                 ? 
_refine.pdbx_overall_ESU_R                       ? 
_refine.pdbx_diffrn_id                           1 
_refine.pdbx_TLS_residual_ADP_flag               ? 
_refine.pdbx_overall_SU_R_free_Cruickshank_DPI   ? 
_refine.pdbx_overall_SU_R_Blow_DPI               ? 
_refine.pdbx_overall_SU_R_free_Blow_DPI          ? 
# 
_refine_analyze.entry_id                        3N4O 
_refine_analyze.Luzzati_coordinate_error_obs    0.39 
_refine_analyze.Luzzati_sigma_a_obs             0.47 
_refine_analyze.Luzzati_d_res_low_obs           5.00 
_refine_analyze.Luzzati_coordinate_error_free   0.47 
_refine_analyze.Luzzati_sigma_a_free            0.67 
_refine_analyze.Luzzati_d_res_low_free          ? 
_refine_analyze.number_disordered_residues      ? 
_refine_analyze.occupancy_sum_hydrogen          ? 
_refine_analyze.occupancy_sum_non_hydrogen      ? 
_refine_analyze.pdbx_Luzzati_d_res_high_obs     ? 
_refine_analyze.pdbx_refine_id                  'X-RAY DIFFRACTION' 
# 
_refine_hist.pdbx_refine_id                   'X-RAY DIFFRACTION' 
_refine_hist.cycle_id                         LAST 
_refine_hist.pdbx_number_atoms_protein        0 
_refine_hist.pdbx_number_atoms_nucleic_acid   490 
_refine_hist.pdbx_number_atoms_ligand         32 
_refine_hist.number_atoms_solvent             30 
_refine_hist.number_atoms_total               552 
_refine_hist.d_res_high                       2.90 
_refine_hist.d_res_low                        9.89 
# 
loop_
_refine_ls_restr.type 
_refine_ls_restr.dev_ideal 
_refine_ls_restr.dev_ideal_target 
_refine_ls_restr.weight 
_refine_ls_restr.number 
_refine_ls_restr.pdbx_refine_id 
_refine_ls_restr.pdbx_restraint_function 
c_bond_d           0.009 ? ? ? 'X-RAY DIFFRACTION' ? 
c_angle_deg        1.1   ? ? ? 'X-RAY DIFFRACTION' ? 
c_dihedral_angle_d 28.6  ? ? ? 'X-RAY DIFFRACTION' ? 
c_improper_angle_d 1.52  ? ? ? 'X-RAY DIFFRACTION' ? 
# 
_refine_ls_shell.pdbx_total_number_of_bins_used   6 
_refine_ls_shell.d_res_high                       2.90 
_refine_ls_shell.d_res_low                        3.08 
_refine_ls_shell.number_reflns_R_work             246 
_refine_ls_shell.R_factor_R_work                  0.406 
_refine_ls_shell.percent_reflns_obs               100.0 
_refine_ls_shell.R_factor_R_free                  0.673 
_refine_ls_shell.R_factor_R_free_error            0.132 
_refine_ls_shell.percent_reflns_R_free            9.6 
_refine_ls_shell.number_reflns_R_free             26 
_refine_ls_shell.number_reflns_all                ? 
_refine_ls_shell.R_factor_all                     ? 
_refine_ls_shell.number_reflns_obs                246 
_refine_ls_shell.redundancy_reflns_obs            ? 
_refine_ls_shell.pdbx_refine_id                   'X-RAY DIFFRACTION' 
# 
loop_
_pdbx_xplor_file.pdbx_refine_id 
_pdbx_xplor_file.serial_no 
_pdbx_xplor_file.param_file 
_pdbx_xplor_file.topol_file 
'X-RAY DIFFRACTION' 1 water.param          water.top      
'X-RAY DIFFRACTION' 2 dna-rna_repBIC.param dna-rnaBIC.top 
'X-RAY DIFFRACTION' 3 ht_xplor_param       ht_xplor_top   
# 
_struct_ncs_dom.id            1 
_struct_ncs_dom.details       ? 
_struct_ncs_dom.pdbx_ens_id   1 
# 
_struct_ncs_ens.id        1 
_struct_ncs_ens.details   ? 
# 
_struct.entry_id                  3N4O 
_struct.title                     
;Insights into the stabilizing contributions of a bicyclic cytosine analogue: crystal structures of DNA duplexes containing 7,8-dihydropyrido[2,3-d]pyrimidin-2-one
;
_struct.pdbx_model_details        ? 
_struct.pdbx_CASP_flag            ? 
_struct.pdbx_model_type_details   ? 
# 
_struct_keywords.entry_id        3N4O 
_struct_keywords.pdbx_keywords   DNA 
_struct_keywords.text            'bicyclic cytosine, DNA' 
# 
loop_
_struct_asym.id 
_struct_asym.pdbx_blank_PDB_chainid_flag 
_struct_asym.pdbx_modified 
_struct_asym.entity_id 
_struct_asym.details 
A N N 1 ? 
B N N 1 ? 
C N N 2 ? 
D N N 3 ? 
E N N 3 ? 
# 
_struct_biol.id        1 
_struct_biol.details   ? 
# 
loop_
_struct_conn.id 
_struct_conn.conn_type_id 
_struct_conn.pdbx_leaving_atom_flag 
_struct_conn.pdbx_PDB_id 
_struct_conn.ptnr1_label_asym_id 
_struct_conn.ptnr1_label_comp_id 
_struct_conn.ptnr1_label_seq_id 
_struct_conn.ptnr1_label_atom_id 
_struct_conn.pdbx_ptnr1_label_alt_id 
_struct_conn.pdbx_ptnr1_PDB_ins_code 
_struct_conn.pdbx_ptnr1_standard_comp_id 
_struct_conn.ptnr1_symmetry 
_struct_conn.ptnr2_label_asym_id 
_struct_conn.ptnr2_label_comp_id 
_struct_conn.ptnr2_label_seq_id 
_struct_conn.ptnr2_label_atom_id 
_struct_conn.pdbx_ptnr2_label_alt_id 
_struct_conn.pdbx_ptnr2_PDB_ins_code 
_struct_conn.ptnr1_auth_asym_id 
_struct_conn.ptnr1_auth_comp_id 
_struct_conn.ptnr1_auth_seq_id 
_struct_conn.ptnr2_auth_asym_id 
_struct_conn.ptnr2_auth_comp_id 
_struct_conn.ptnr2_auth_seq_id 
_struct_conn.ptnr2_symmetry 
_struct_conn.pdbx_ptnr3_label_atom_id 
_struct_conn.pdbx_ptnr3_label_seq_id 
_struct_conn.pdbx_ptnr3_label_comp_id 
_struct_conn.pdbx_ptnr3_label_asym_id 
_struct_conn.pdbx_ptnr3_label_alt_id 
_struct_conn.pdbx_ptnr3_PDB_ins_code 
_struct_conn.details 
_struct_conn.pdbx_dist_value 
_struct_conn.pdbx_value_order 
_struct_conn.pdbx_role 
covale1  covale both ? A DT  7  "O3'" ? ? ? 1_555 A B7C 8  P  A ? D DT  7  D B7C 8  1_555 ? ? ? ? ? ? ?            1.607 ? ? 
covale2  covale both ? A DT  7  "O3'" ? ? ? 1_555 A B7C 8  P  B ? D DT  7  D B7C 8  1_555 ? ? ? ? ? ? ?            1.608 ? ? 
covale3  covale both ? A B7C 8  "O3'" A ? ? 1_555 A DC  9  P  ? ? D B7C 8  D DC  9  1_555 ? ? ? ? ? ? ?            1.610 ? ? 
covale4  covale both ? A B7C 8  "O3'" B ? ? 1_555 A DC  9  P  ? ? D B7C 8  D DC  9  1_555 ? ? ? ? ? ? ?            1.607 ? ? 
covale5  covale both ? B DT  7  "O3'" ? ? ? 1_555 B B7C 8  P  A ? E DT  19 E B7C 20 1_555 ? ? ? ? ? ? ?            1.610 ? ? 
covale6  covale both ? B DT  7  "O3'" ? ? ? 1_555 B B7C 8  P  B ? E DT  19 E B7C 20 1_555 ? ? ? ? ? ? ?            1.609 ? ? 
covale7  covale both ? B B7C 8  "O3'" A ? ? 1_555 B DC  9  P  ? ? E B7C 20 E DC  21 1_555 ? ? ? ? ? ? ?            1.599 ? ? 
covale8  covale both ? B B7C 8  "O3'" B ? ? 1_555 B DC  9  P  ? ? E B7C 20 E DC  21 1_555 ? ? ? ? ? ? ?            1.602 ? ? 
hydrog1  hydrog ?    ? A DC  1  N3    ? ? ? 1_555 B DG  12 N1 ? ? D DC  1  E DG  24 1_555 ? ? ? ? ? ? WATSON-CRICK ?     ? ? 
hydrog2  hydrog ?    ? A DC  1  N4    ? ? ? 1_555 B DG  12 O6 ? ? D DC  1  E DG  24 1_555 ? ? ? ? ? ? WATSON-CRICK ?     ? ? 
hydrog3  hydrog ?    ? A DC  1  O2    ? ? ? 1_555 B DG  12 N2 ? ? D DC  1  E DG  24 1_555 ? ? ? ? ? ? WATSON-CRICK ?     ? ? 
hydrog4  hydrog ?    ? A DG  2  N1    ? ? ? 1_555 B DC  11 N3 ? ? D DG  2  E DC  23 1_555 ? ? ? ? ? ? WATSON-CRICK ?     ? ? 
hydrog5  hydrog ?    ? A DG  2  N2    ? ? ? 1_555 B DC  11 O2 ? ? D DG  2  E DC  23 1_555 ? ? ? ? ? ? WATSON-CRICK ?     ? ? 
hydrog6  hydrog ?    ? A DG  2  O6    ? ? ? 1_555 B DC  11 N4 ? ? D DG  2  E DC  23 1_555 ? ? ? ? ? ? WATSON-CRICK ?     ? ? 
hydrog7  hydrog ?    ? A DC  3  N3    ? ? ? 1_555 B DG  10 N1 ? ? D DC  3  E DG  22 1_555 ? ? ? ? ? ? WATSON-CRICK ?     ? ? 
hydrog8  hydrog ?    ? A DC  3  N4    ? ? ? 1_555 B DG  10 O6 ? ? D DC  3  E DG  22 1_555 ? ? ? ? ? ? WATSON-CRICK ?     ? ? 
hydrog9  hydrog ?    ? A DC  3  O2    ? ? ? 1_555 B DG  10 N2 ? ? D DC  3  E DG  22 1_555 ? ? ? ? ? ? WATSON-CRICK ?     ? ? 
hydrog10 hydrog ?    ? A DG  4  N1    ? ? ? 1_555 B DC  9  N3 ? ? D DG  4  E DC  21 1_555 ? ? ? ? ? ? WATSON-CRICK ?     ? ? 
hydrog11 hydrog ?    ? A DG  4  N2    ? ? ? 1_555 B DC  9  O2 ? ? D DG  4  E DC  21 1_555 ? ? ? ? ? ? WATSON-CRICK ?     ? ? 
hydrog12 hydrog ?    ? A DG  4  O6    ? ? ? 1_555 B DC  9  N4 ? ? D DG  4  E DC  21 1_555 ? ? ? ? ? ? WATSON-CRICK ?     ? ? 
hydrog13 hydrog ?    ? A DA  6  N1    ? ? ? 1_555 B DT  7  N3 ? ? D DA  6  E DT  19 1_555 ? ? ? ? ? ? WATSON-CRICK ?     ? ? 
hydrog14 hydrog ?    ? A DA  6  N6    ? ? ? 1_555 B DT  7  O4 ? ? D DA  6  E DT  19 1_555 ? ? ? ? ? ? WATSON-CRICK ?     ? ? 
hydrog15 hydrog ?    ? A DT  7  N3    ? ? ? 1_555 B DA  6  N1 ? ? D DT  7  E DA  18 1_555 ? ? ? ? ? ? WATSON-CRICK ?     ? ? 
hydrog16 hydrog ?    ? A DT  7  O4    ? ? ? 1_555 B DA  6  N6 ? ? D DT  7  E DA  18 1_555 ? ? ? ? ? ? WATSON-CRICK ?     ? ? 
hydrog17 hydrog ?    ? A DC  9  N3    ? ? ? 1_555 B DG  4  N1 ? ? D DC  9  E DG  16 1_555 ? ? ? ? ? ? WATSON-CRICK ?     ? ? 
hydrog18 hydrog ?    ? A DC  9  N4    ? ? ? 1_555 B DG  4  O6 ? ? D DC  9  E DG  16 1_555 ? ? ? ? ? ? WATSON-CRICK ?     ? ? 
hydrog19 hydrog ?    ? A DC  9  O2    ? ? ? 1_555 B DG  4  N2 ? ? D DC  9  E DG  16 1_555 ? ? ? ? ? ? WATSON-CRICK ?     ? ? 
hydrog20 hydrog ?    ? A DG  10 N1    ? ? ? 1_555 B DC  3  N3 ? ? D DG  10 E DC  15 1_555 ? ? ? ? ? ? WATSON-CRICK ?     ? ? 
hydrog21 hydrog ?    ? A DG  10 N2    ? ? ? 1_555 B DC  3  O2 ? ? D DG  10 E DC  15 1_555 ? ? ? ? ? ? WATSON-CRICK ?     ? ? 
hydrog22 hydrog ?    ? A DG  10 O6    ? ? ? 1_555 B DC  3  N4 ? ? D DG  10 E DC  15 1_555 ? ? ? ? ? ? WATSON-CRICK ?     ? ? 
hydrog23 hydrog ?    ? A DC  11 N3    ? ? ? 1_555 B DG  2  N1 ? ? D DC  11 E DG  14 1_555 ? ? ? ? ? ? WATSON-CRICK ?     ? ? 
hydrog24 hydrog ?    ? A DC  11 N4    ? ? ? 1_555 B DG  2  O6 ? ? D DC  11 E DG  14 1_555 ? ? ? ? ? ? WATSON-CRICK ?     ? ? 
hydrog25 hydrog ?    ? A DC  11 O2    ? ? ? 1_555 B DG  2  N2 ? ? D DC  11 E DG  14 1_555 ? ? ? ? ? ? WATSON-CRICK ?     ? ? 
hydrog26 hydrog ?    ? A DG  12 N1    ? ? ? 1_555 B DC  1  N3 ? ? D DG  12 E DC  13 1_555 ? ? ? ? ? ? WATSON-CRICK ?     ? ? 
hydrog27 hydrog ?    ? A DG  12 N2    ? ? ? 1_555 B DC  1  O2 ? ? D DG  12 E DC  13 1_555 ? ? ? ? ? ? WATSON-CRICK ?     ? ? 
hydrog28 hydrog ?    ? A DG  12 O6    ? ? ? 1_555 B DC  1  N4 ? ? D DG  12 E DC  13 1_555 ? ? ? ? ? ? WATSON-CRICK ?     ? ? 
# 
loop_
_struct_conn_type.id 
_struct_conn_type.criteria 
_struct_conn_type.reference 
covale ? ? 
hydrog ? ? 
# 
loop_
_struct_site.id 
_struct_site.pdbx_evidence_code 
_struct_site.pdbx_auth_asym_id 
_struct_site.pdbx_auth_comp_id 
_struct_site.pdbx_auth_seq_id 
_struct_site.pdbx_auth_ins_code 
_struct_site.pdbx_num_residues 
_struct_site.details 
AC1 Software E HT 25 ? 10 'BINDING SITE FOR RESIDUE HT E 25' 
1   ?        ? ?  ?  ? ?  ?                                  
# 
loop_
_struct_site_gen.id 
_struct_site_gen.site_id 
_struct_site_gen.pdbx_num_res 
_struct_site_gen.label_comp_id 
_struct_site_gen.label_asym_id 
_struct_site_gen.label_seq_id 
_struct_site_gen.pdbx_auth_ins_code 
_struct_site_gen.auth_comp_id 
_struct_site_gen.auth_asym_id 
_struct_site_gen.auth_seq_id 
_struct_site_gen.label_atom_id 
_struct_site_gen.label_alt_id 
_struct_site_gen.symmetry 
_struct_site_gen.details 
1  AC1 10 DA  A 5 ? DA  D 5  . ? 1_555 ? 
2  AC1 10 DA  A 6 ? DA  D 6  . ? 1_555 ? 
3  AC1 10 DT  A 7 ? DT  D 7  . ? 1_555 ? 
4  AC1 10 B7C A 8 ? B7C D 8  . ? 1_555 ? 
5  AC1 10 DC  A 9 ? DC  D 9  . ? 1_555 ? 
6  AC1 10 DA  B 5 ? DA  E 17 . ? 1_555 ? 
7  AC1 10 DA  B 6 ? DA  E 18 . ? 1_555 ? 
8  AC1 10 DT  B 7 ? DT  E 19 . ? 1_555 ? 
9  AC1 10 B7C B 8 ? B7C E 20 . ? 1_555 ? 
10 AC1 10 DC  B 9 ? DC  E 21 . ? 1_555 ? 
# 
_atom_sites.entry_id                    3N4O 
_atom_sites.fract_transf_matrix[1][1]   0.03695276 
_atom_sites.fract_transf_matrix[1][2]   0.01474509 
_atom_sites.fract_transf_matrix[1][3]   0.00363842 
_atom_sites.fract_transf_matrix[2][1]   0.00180692 
_atom_sites.fract_transf_matrix[2][2]   -0.00990518 
_atom_sites.fract_transf_matrix[2][3]   0.02179024 
_atom_sites.fract_transf_matrix[3][1]   0.00577065 
_atom_sites.fract_transf_matrix[3][2]   -0.01289714 
_atom_sites.fract_transf_matrix[3][3]   -0.00634118 
_atom_sites.fract_transf_vector[1]      0.432088 
_atom_sites.fract_transf_vector[2]      0.023491 
_atom_sites.fract_transf_vector[3]      0.373463 
# 
loop_
_atom_type.symbol 
C 
N 
O 
P 
# 
loop_
_atom_site.group_PDB 
_atom_site.id 
_atom_site.type_symbol 
_atom_site.label_atom_id 
_atom_site.label_alt_id 
_atom_site.label_comp_id 
_atom_site.label_asym_id 
_atom_site.label_entity_id 
_atom_site.label_seq_id 
_atom_site.pdbx_PDB_ins_code 
_atom_site.Cartn_x 
_atom_site.Cartn_y 
_atom_site.Cartn_z 
_atom_site.occupancy 
_atom_site.B_iso_or_equiv 
_atom_site.pdbx_formal_charge 
_atom_site.auth_seq_id 
_atom_site.auth_comp_id 
_atom_site.auth_asym_id 
_atom_site.auth_atom_id 
_atom_site.pdbx_PDB_model_num 
ATOM   1   O "O5'" . DC  A 1 1  ? -9.205  7.582   18.560  1.00 52.78 ? 1  DC  D "O5'" 1 
ATOM   2   C "C5'" . DC  A 1 1  ? -8.989  6.343   17.838  1.00 52.51 ? 1  DC  D "C5'" 1 
ATOM   3   C "C4'" . DC  A 1 1  ? -9.996  6.111   16.732  1.00 49.99 ? 1  DC  D "C4'" 1 
ATOM   4   O "O4'" . DC  A 1 1  ? -9.971  7.242   15.837  1.00 48.33 ? 1  DC  D "O4'" 1 
ATOM   5   C "C3'" . DC  A 1 1  ? -9.729  4.893   15.854  1.00 48.80 ? 1  DC  D "C3'" 1 
ATOM   6   O "O3'" . DC  A 1 1  ? -10.986 4.387   15.357  1.00 50.13 ? 1  DC  D "O3'" 1 
ATOM   7   C "C2'" . DC  A 1 1  ? -8.854  5.471   14.756  1.00 44.87 ? 1  DC  D "C2'" 1 
ATOM   8   C "C1'" . DC  A 1 1  ? -9.453  6.857   14.573  1.00 44.09 ? 1  DC  D "C1'" 1 
ATOM   9   N N1    . DC  A 1 1  ? -8.527  7.918   14.158  1.00 39.78 ? 1  DC  D N1    1 
ATOM   10  C C2    . DC  A 1 1  ? -8.927  8.795   13.154  1.00 36.08 ? 1  DC  D C2    1 
ATOM   11  O O2    . DC  A 1 1  ? -10.023 8.619   12.619  1.00 34.27 ? 1  DC  D O2    1 
ATOM   12  N N3    . DC  A 1 1  ? -8.116  9.813   12.805  1.00 34.24 ? 1  DC  D N3    1 
ATOM   13  C C4    . DC  A 1 1  ? -6.945  9.971   13.421  1.00 34.49 ? 1  DC  D C4    1 
ATOM   14  N N4    . DC  A 1 1  ? -6.191  11.005  13.071  1.00 33.97 ? 1  DC  D N4    1 
ATOM   15  C C5    . DC  A 1 1  ? -6.499  9.077   14.431  1.00 35.46 ? 1  DC  D C5    1 
ATOM   16  C C6    . DC  A 1 1  ? -7.312  8.067   14.763  1.00 37.73 ? 1  DC  D C6    1 
ATOM   17  P P     . DG  A 1 2  ? -11.020 3.027   14.478  1.00 53.62 ? 2  DG  D P     1 
ATOM   18  O OP1   . DG  A 1 2  ? -11.674 1.959   15.281  1.00 52.69 ? 2  DG  D OP1   1 
ATOM   19  O OP2   . DG  A 1 2  ? -9.648  2.805   13.928  1.00 53.34 ? 2  DG  D OP2   1 
ATOM   20  O "O5'" . DG  A 1 2  ? -11.982 3.382   13.261  1.00 49.10 ? 2  DG  D "O5'" 1 
ATOM   21  C "C5'" . DG  A 1 2  ? -11.859 4.640   12.631  1.00 44.48 ? 2  DG  D "C5'" 1 
ATOM   22  C "C4'" . DG  A 1 2  ? -12.589 4.659   11.313  1.00 40.36 ? 2  DG  D "C4'" 1 
ATOM   23  O "O4'" . DG  A 1 2  ? -12.027 5.778   10.589  1.00 40.82 ? 2  DG  D "O4'" 1 
ATOM   24  C "C3'" . DG  A 1 2  ? -12.346 3.451   10.417  1.00 38.88 ? 2  DG  D "C3'" 1 
ATOM   25  O "O3'" . DG  A 1 2  ? -13.455 3.333   9.513   1.00 40.32 ? 2  DG  D "O3'" 1 
ATOM   26  C "C2'" . DG  A 1 2  ? -11.058 3.804   9.694   1.00 37.46 ? 2  DG  D "C2'" 1 
ATOM   27  C "C1'" . DG  A 1 2  ? -11.095 5.326   9.602   1.00 35.95 ? 2  DG  D "C1'" 1 
ATOM   28  N N9    . DG  A 1 2  ? -9.805  5.928   9.914   1.00 31.35 ? 2  DG  D N9    1 
ATOM   29  C C8    . DG  A 1 2  ? -8.880  5.459   10.817  1.00 30.37 ? 2  DG  D C8    1 
ATOM   30  N N7    . DG  A 1 2  ? -7.816  6.206   10.895  1.00 29.11 ? 2  DG  D N7    1 
ATOM   31  C C5    . DG  A 1 2  ? -8.049  7.226   9.984   1.00 28.85 ? 2  DG  D C5    1 
ATOM   32  C C6    . DG  A 1 2  ? -7.247  8.324   9.626   1.00 27.86 ? 2  DG  D C6    1 
ATOM   33  O O6    . DG  A 1 2  ? -6.129  8.610   10.042  1.00 29.32 ? 2  DG  D O6    1 
ATOM   34  N N1    . DG  A 1 2  ? -7.861  9.130   8.676   1.00 26.00 ? 2  DG  D N1    1 
ATOM   35  C C2    . DG  A 1 2  ? -9.093  8.897   8.132   1.00 29.13 ? 2  DG  D C2    1 
ATOM   36  N N2    . DG  A 1 2  ? -9.520  9.793   7.230   1.00 30.42 ? 2  DG  D N2    1 
ATOM   37  N N3    . DG  A 1 2  ? -9.855  7.858   8.447   1.00 31.08 ? 2  DG  D N3    1 
ATOM   38  C C4    . DG  A 1 2  ? -9.274  7.071   9.376   1.00 30.03 ? 2  DG  D C4    1 
ATOM   39  P P     . DC  A 1 3  ? -13.329 2.430   8.181   1.00 41.55 ? 3  DC  D P     1 
ATOM   40  O OP1   . DC  A 1 3  ? -14.727 2.222   7.746   1.00 41.93 ? 3  DC  D OP1   1 
ATOM   41  O OP2   . DC  A 1 3  ? -12.445 1.247   8.427   1.00 40.13 ? 3  DC  D OP2   1 
ATOM   42  O "O5'" . DC  A 1 3  ? -12.639 3.388   7.107   1.00 40.26 ? 3  DC  D "O5'" 1 
ATOM   43  C "C5'" . DC  A 1 3  ? -13.325 4.535   6.625   1.00 41.24 ? 3  DC  D "C5'" 1 
ATOM   44  C "C4'" . DC  A 1 3  ? -12.607 5.105   5.428   1.00 41.59 ? 3  DC  D "C4'" 1 
ATOM   45  O "O4'" . DC  A 1 3  ? -11.365 5.715   5.863   1.00 41.15 ? 3  DC  D "O4'" 1 
ATOM   46  C "C3'" . DC  A 1 3  ? -12.229 4.062   4.375   1.00 42.72 ? 3  DC  D "C3'" 1 
ATOM   47  O "O3'" . DC  A 1 3  ? -12.363 4.579   3.050   1.00 45.28 ? 3  DC  D "O3'" 1 
ATOM   48  C "C2'" . DC  A 1 3  ? -10.759 3.830   4.636   1.00 43.02 ? 3  DC  D "C2'" 1 
ATOM   49  C "C1'" . DC  A 1 3  ? -10.288 5.200   5.100   1.00 38.93 ? 3  DC  D "C1'" 1 
ATOM   50  N N1    . DC  A 1 3  ? -9.109  5.099   5.975   1.00 35.80 ? 3  DC  D N1    1 
ATOM   51  C C2    . DC  A 1 3  ? -8.114  6.074   5.910   1.00 31.81 ? 3  DC  D C2    1 
ATOM   52  O O2    . DC  A 1 3  ? -8.278  7.052   5.170   1.00 30.03 ? 3  DC  D O2    1 
ATOM   53  N N3    . DC  A 1 3  ? -7.006  5.927   6.663   1.00 30.51 ? 3  DC  D N3    1 
ATOM   54  C C4    . DC  A 1 3  ? -6.887  4.871   7.474   1.00 32.19 ? 3  DC  D C4    1 
ATOM   55  N N4    . DC  A 1 3  ? -5.787  4.758   8.203   1.00 34.78 ? 3  DC  D N4    1 
ATOM   56  C C5    . DC  A 1 3  ? -7.894  3.882   7.579   1.00 33.23 ? 3  DC  D C5    1 
ATOM   57  C C6    . DC  A 1 3  ? -8.979  4.034   6.824   1.00 35.25 ? 3  DC  D C6    1 
ATOM   58  P P     . DG  A 1 4  ? -12.117 3.605   1.788   1.00 46.29 ? 4  DG  D P     1 
ATOM   59  O OP1   . DG  A 1 4  ? -13.229 2.620   1.794   1.00 46.52 ? 4  DG  D OP1   1 
ATOM   60  O OP2   . DG  A 1 4  ? -10.720 3.119   1.788   1.00 43.52 ? 4  DG  D OP2   1 
ATOM   61  O "O5'" . DG  A 1 4  ? -12.282 4.570   0.533   1.00 45.30 ? 4  DG  D "O5'" 1 
ATOM   62  C "C5'" . DG  A 1 4  ? -11.997 5.969   0.634   1.00 45.79 ? 4  DG  D "C5'" 1 
ATOM   63  C "C4'" . DG  A 1 4  ? -10.602 6.258   0.133   1.00 45.37 ? 4  DG  D "C4'" 1 
ATOM   64  O "O4'" . DG  A 1 4  ? -9.609  6.125   1.181   1.00 44.62 ? 4  DG  D "O4'" 1 
ATOM   65  C "C3'" . DG  A 1 4  ? -10.124 5.346   -1.002  1.00 47.44 ? 4  DG  D "C3'" 1 
ATOM   66  O "O3'" . DG  A 1 4  ? -9.241  6.097   -1.823  1.00 50.33 ? 4  DG  D "O3'" 1 
ATOM   67  C "C2'" . DG  A 1 4  ? -9.243  4.345   -0.279  1.00 42.59 ? 4  DG  D "C2'" 1 
ATOM   68  C "C1'" . DG  A 1 4  ? -8.562  5.291   0.688   1.00 40.61 ? 4  DG  D "C1'" 1 
ATOM   69  N N9    . DG  A 1 4  ? -7.889  4.666   1.816   1.00 35.26 ? 4  DG  D N9    1 
ATOM   70  C C8    . DG  A 1 4  ? -8.229  3.488   2.435   1.00 33.11 ? 4  DG  D C8    1 
ATOM   71  N N7    . DG  A 1 4  ? -7.431  3.174   3.412   1.00 30.51 ? 4  DG  D N7    1 
ATOM   72  C C5    . DG  A 1 4  ? -6.510  4.208   3.446   1.00 30.98 ? 4  DG  D C5    1 
ATOM   73  C C6    . DG  A 1 4  ? -5.402  4.408   4.304   1.00 30.97 ? 4  DG  D C6    1 
ATOM   74  O O6    . DG  A 1 4  ? -5.023  3.683   5.228   1.00 31.10 ? 4  DG  D O6    1 
ATOM   75  N N1    . DG  A 1 4  ? -4.715  5.583   4.000   1.00 29.20 ? 4  DG  D N1    1 
ATOM   76  C C2    . DG  A 1 4  ? -5.063  6.463   2.994   1.00 30.68 ? 4  DG  D C2    1 
ATOM   77  N N2    . DG  A 1 4  ? -4.273  7.555   2.867   1.00 25.77 ? 4  DG  D N2    1 
ATOM   78  N N3    . DG  A 1 4  ? -6.113  6.281   2.176   1.00 30.41 ? 4  DG  D N3    1 
ATOM   79  C C4    . DG  A 1 4  ? -6.780  5.139   2.463   1.00 31.54 ? 4  DG  D C4    1 
ATOM   80  P P     A DA  A 1 5  ? -9.409  6.063   -3.415  0.50 51.33 ? 5  DA  D P     1 
ATOM   81  P P     B DA  A 1 5  ? -9.409  6.066   -3.415  0.50 51.30 ? 5  DA  D P     1 
ATOM   82  O OP1   A DA  A 1 5  ? -10.502 7.024   -3.733  0.50 52.22 ? 5  DA  D OP1   1 
ATOM   83  O OP1   B DA  A 1 5  ? -10.504 7.026   -3.732  0.50 52.20 ? 5  DA  D OP1   1 
ATOM   84  O OP2   A DA  A 1 5  ? -9.511  4.652   -3.872  0.50 50.47 ? 5  DA  D OP2   1 
ATOM   85  O OP2   B DA  A 1 5  ? -9.511  4.654   -3.871  0.50 50.46 ? 5  DA  D OP2   1 
ATOM   86  O "O5'" A DA  A 1 5  ? -8.029  6.682   -3.912  0.50 49.32 ? 5  DA  D "O5'" 1 
ATOM   87  O "O5'" B DA  A 1 5  ? -8.026  6.681   -3.918  0.50 49.24 ? 5  DA  D "O5'" 1 
ATOM   88  C "C5'" A DA  A 1 5  ? -7.672  8.012   -3.543  0.50 45.51 ? 5  DA  D "C5'" 1 
ATOM   89  C "C5'" B DA  A 1 5  ? -7.623  7.980   -3.480  0.50 45.27 ? 5  DA  D "C5'" 1 
ATOM   90  C "C4'" A DA  A 1 5  ? -6.202  8.111   -3.188  0.50 43.97 ? 5  DA  D "C4'" 1 
ATOM   91  C "C4'" B DA  A 1 5  ? -6.154  8.022   -3.103  0.50 43.48 ? 5  DA  D "C4'" 1 
ATOM   92  O "O4'" A DA  A 1 5  ? -5.888  7.383   -1.973  0.50 42.10 ? 5  DA  D "O4'" 1 
ATOM   93  O "O4'" B DA  A 1 5  ? -5.791  7.292   -1.891  0.50 41.32 ? 5  DA  D "O4'" 1 
ATOM   94  C "C3'" A DA  A 1 5  ? -5.189  7.646   -4.236  0.50 42.71 ? 5  DA  D "C3'" 1 
ATOM   95  C "C3'" B DA  A 1 5  ? -5.157  7.583   -4.170  0.50 42.18 ? 5  DA  D "C3'" 1 
ATOM   96  O "O3'" A DA  A 1 5  ? -4.153  8.625   -4.324  0.50 43.15 ? 5  DA  D "O3'" 1 
ATOM   97  O "O3'" B DA  A 1 5  ? -4.164  8.611   -4.315  0.50 42.92 ? 5  DA  D "O3'" 1 
ATOM   98  C "C2'" A DA  A 1 5  ? -4.631  6.361   -3.643  0.50 40.26 ? 5  DA  D "C2'" 1 
ATOM   99  C "C2'" B DA  A 1 5  ? -4.534  6.338   -3.555  0.50 39.56 ? 5  DA  D "C2'" 1 
ATOM   100 C "C1'" A DA  A 1 5  ? -4.673  6.675   -2.160  0.50 38.64 ? 5  DA  D "C1'" 1 
ATOM   101 C "C1'" B DA  A 1 5  ? -4.501  6.715   -2.086  0.50 37.96 ? 5  DA  D "C1'" 1 
ATOM   102 N N9    A DA  A 1 5  ? -4.678  5.513   -1.269  0.50 35.38 ? 5  DA  D N9    1 
ATOM   103 N N9    B DA  A 1 5  ? -4.298  5.630   -1.090  0.50 34.93 ? 5  DA  D N9    1 
ATOM   104 C C8    A DA  A 1 5  ? -5.592  4.496   -1.219  0.50 34.53 ? 5  DA  D C8    1 
ATOM   105 C C8    B DA  A 1 5  ? -5.105  4.516   -0.975  0.50 32.88 ? 5  DA  D C8    1 
ATOM   106 N N7    A DA  A 1 5  ? -5.337  3.598   -0.299  0.50 33.14 ? 5  DA  D N7    1 
ATOM   107 N N7    B DA  A 1 5  ? -4.753  3.685   -0.021  0.50 31.41 ? 5  DA  D N7    1 
ATOM   108 C C5    A DA  A 1 5  ? -4.173  4.053   0.299   0.50 31.95 ? 5  DA  D C5    1 
ATOM   109 C C5    B DA  A 1 5  ? -3.632  4.271   0.553   0.50 32.19 ? 5  DA  D C5    1 
ATOM   110 C C6    A DA  A 1 5  ? -3.393  3.548   1.352   0.50 31.39 ? 5  DA  D C6    1 
ATOM   111 C C6    B DA  A 1 5  ? -2.786  3.866   1.649   0.50 32.36 ? 5  DA  D C6    1 
ATOM   112 N N6    A DA  A 1 5  ? -3.689  2.431   2.015   0.50 29.18 ? 5  DA  D N6    1 
ATOM   113 N N6    B DA  A 1 5  ? -2.976  2.750   2.368   0.50 30.96 ? 5  DA  D N6    1 
ATOM   114 N N1    A DA  A 1 5  ? -2.288  4.242   1.709   0.50 32.13 ? 5  DA  D N1    1 
ATOM   115 N N1    B DA  A 1 5  ? -1.743  4.660   1.977   0.50 32.42 ? 5  DA  D N1    1 
ATOM   116 C C2    A DA  A 1 5  ? -2.002  5.369   1.043   0.50 32.51 ? 5  DA  D C2    1 
ATOM   117 C C2    B DA  A 1 5  ? -1.562  5.788   1.266   0.50 32.50 ? 5  DA  D C2    1 
ATOM   118 N N3    A DA  A 1 5  ? -2.661  5.946   0.037   0.50 33.20 ? 5  DA  D N3    1 
ATOM   119 N N3    B DA  A 1 5  ? -2.291  6.286   0.223   0.50 32.64 ? 5  DA  D N3    1 
ATOM   120 C C4    A DA  A 1 5  ? -3.751  5.229   -0.290  0.50 33.65 ? 5  DA  D C4    1 
ATOM   121 C C4    B DA  A 1 5  ? -3.320  5.474   -0.098  0.50 33.65 ? 5  DA  D C4    1 
ATOM   122 P P     . DA  A 1 6  ? -2.964  8.438   -5.385  1.00 45.12 ? 6  DA  D P     1 
ATOM   123 O OP1   . DA  A 1 6  ? -2.629  9.799   -5.923  1.00 43.15 ? 6  DA  D OP1   1 
ATOM   124 O OP2   . DA  A 1 6  ? -3.312  7.336   -6.328  1.00 42.82 ? 6  DA  D OP2   1 
ATOM   125 O "O5'" . DA  A 1 6  ? -1.723  7.993   -4.485  1.00 42.90 ? 6  DA  D "O5'" 1 
ATOM   126 C "C5'" . DA  A 1 6  ? -1.189  8.898   -3.523  1.00 39.44 ? 6  DA  D "C5'" 1 
ATOM   127 C "C4'" . DA  A 1 6  ? 0.159   8.422   -3.040  1.00 38.10 ? 6  DA  D "C4'" 1 
ATOM   128 O "O4'" . DA  A 1 6  ? 0.001   7.321   -2.121  1.00 35.36 ? 6  DA  D "O4'" 1 
ATOM   129 C "C3'" . DA  A 1 6  ? 1.101   7.939   -4.139  1.00 38.09 ? 6  DA  D "C3'" 1 
ATOM   130 O "O3'" . DA  A 1 6  ? 2.416   8.436   -3.878  1.00 39.46 ? 6  DA  D "O3'" 1 
ATOM   131 C "C2'" . DA  A 1 6  ? 1.013   6.425   -4.046  1.00 35.99 ? 6  DA  D "C2'" 1 
ATOM   132 C "C1'" . DA  A 1 6  ? 0.717   6.179   -2.574  1.00 33.24 ? 6  DA  D "C1'" 1 
ATOM   133 N N9    . DA  A 1 6  ? -0.128  5.006   -2.322  1.00 28.70 ? 6  DA  D N9    1 
ATOM   134 C C8    . DA  A 1 6  ? -1.222  4.612   -3.042  1.00 25.81 ? 6  DA  D C8    1 
ATOM   135 N N7    . DA  A 1 6  ? -1.806  3.537   -2.571  1.00 23.64 ? 6  DA  D N7    1 
ATOM   136 C C5    . DA  A 1 6  ? -1.048  3.201   -1.464  1.00 22.16 ? 6  DA  D C5    1 
ATOM   137 C C6    . DA  A 1 6  ? -1.162  2.165   -0.521  1.00 22.27 ? 6  DA  D C6    1 
ATOM   138 N N6    . DA  A 1 6  ? -2.131  1.247   -0.537  1.00 23.72 ? 6  DA  D N6    1 
ATOM   139 N N1    . DA  A 1 6  ? -0.246  2.104   0.459   1.00 21.93 ? 6  DA  D N1    1 
ATOM   140 C C2    . DA  A 1 6  ? 0.719   3.030   0.485   1.00 23.32 ? 6  DA  D C2    1 
ATOM   141 N N3    . DA  A 1 6  ? 0.935   4.051   -0.342  1.00 23.35 ? 6  DA  D N3    1 
ATOM   142 C C4    . DA  A 1 6  ? 0.002   4.083   -1.305  1.00 24.46 ? 6  DA  D C4    1 
ATOM   143 P P     . DT  A 1 7  ? 3.674   7.775   -4.602  1.00 43.09 ? 7  DT  D P     1 
ATOM   144 O OP1   . DT  A 1 7  ? 4.793   8.711   -4.354  1.00 44.67 ? 7  DT  D OP1   1 
ATOM   145 O OP2   . DT  A 1 7  ? 3.361   7.340   -6.002  1.00 41.87 ? 7  DT  D OP2   1 
ATOM   146 O "O5'" . DT  A 1 7  ? 3.925   6.504   -3.695  1.00 41.89 ? 7  DT  D "O5'" 1 
ATOM   147 C "C5'" . DT  A 1 7  ? 4.026   6.676   -2.302  1.00 41.82 ? 7  DT  D "C5'" 1 
ATOM   148 C "C4'" . DT  A 1 7  ? 4.654   5.459   -1.678  1.00 41.76 ? 7  DT  D "C4'" 1 
ATOM   149 O "O4'" . DT  A 1 7  ? 3.662   4.418   -1.563  1.00 39.93 ? 7  DT  D "O4'" 1 
ATOM   150 C "C3'" . DT  A 1 7  ? 5.837   4.863   -2.443  1.00 41.48 ? 7  DT  D "C3'" 1 
ATOM   151 O "O3'" . DT  A 1 7  ? 6.856   4.524   -1.486  1.00 44.24 ? 7  DT  D "O3'" 1 
ATOM   152 C "C2'" . DT  A 1 7  ? 5.230   3.629   -3.092  1.00 38.67 ? 7  DT  D "C2'" 1 
ATOM   153 C "C1'" . DT  A 1 7  ? 4.195   3.215   -2.058  1.00 36.44 ? 7  DT  D "C1'" 1 
ATOM   154 N N1    . DT  A 1 7  ? 3.063   2.412   -2.527  1.00 33.21 ? 7  DT  D N1    1 
ATOM   155 C C2    . DT  A 1 7  ? 2.727   1.297   -1.795  1.00 31.87 ? 7  DT  D C2    1 
ATOM   156 O O2    . DT  A 1 7  ? 3.353   0.939   -0.806  1.00 32.50 ? 7  DT  D O2    1 
ATOM   157 N N3    . DT  A 1 7  ? 1.638   0.612   -2.264  1.00 28.64 ? 7  DT  D N3    1 
ATOM   158 C C4    . DT  A 1 7  ? 0.885   0.914   -3.374  1.00 29.24 ? 7  DT  D C4    1 
ATOM   159 O O4    . DT  A 1 7  ? -0.067  0.208   -3.677  1.00 30.09 ? 7  DT  D O4    1 
ATOM   160 C C5    . DT  A 1 7  ? 1.308   2.084   -4.107  1.00 30.54 ? 7  DT  D C5    1 
ATOM   161 C C7    . DT  A 1 7  ? 0.554   2.477   -5.338  1.00 28.23 ? 7  DT  D C7    1 
ATOM   162 C C6    . DT  A 1 7  ? 2.362   2.768   -3.650  1.00 31.17 ? 7  DT  D C6    1 
HETATM 163 P P     A B7C A 1 8  ? 8.372   4.298   -1.971  0.50 43.43 ? 8  B7C D P     1 
HETATM 164 P P     B B7C A 1 8  ? 8.372   4.294   -1.971  0.50 43.43 ? 8  B7C D P     1 
HETATM 165 O OP1   . B7C A 1 8  ? 9.275   5.033   -1.050  1.00 43.90 ? 8  B7C D OP1   1 
HETATM 166 O OP2   . B7C A 1 8  ? 8.439   4.548   -3.433  1.00 44.00 ? 8  B7C D OP2   1 
HETATM 167 O "O5'" A B7C A 1 8  ? 8.593   2.750   -1.715  0.50 42.96 ? 8  B7C D "O5'" 1 
HETATM 168 O "O5'" B B7C A 1 8  ? 8.592   2.744   -1.711  0.50 42.97 ? 8  B7C D "O5'" 1 
HETATM 169 N N1    A B7C A 1 8  ? 5.515   -1.250  -2.648  0.50 40.51 ? 8  B7C D N1    1 
HETATM 170 N N1    B B7C A 1 8  ? 5.591   -1.011  -2.853  0.50 40.49 ? 8  B7C D N1    1 
HETATM 171 C C6    A B7C A 1 8  ? 5.503   -0.449  -3.760  0.50 39.23 ? 8  B7C D C6    1 
HETATM 172 C C6    B B7C A 1 8  ? 5.853   -0.278  -3.986  0.50 39.49 ? 8  B7C D C6    1 
HETATM 173 C C2    A B7C A 1 8  ? 4.449   -2.100  -2.386  0.50 39.59 ? 8  B7C D C2    1 
HETATM 174 C C2    B B7C A 1 8  ? 4.332   -1.584  -2.664  0.50 39.19 ? 8  B7C D C2    1 
HETATM 175 O O2    A B7C A 1 8  ? 4.507   -2.817  -1.382  0.50 41.47 ? 8  B7C D O2    1 
HETATM 176 O O2    B B7C A 1 8  ? 4.134   -2.272  -1.653  0.50 39.94 ? 8  B7C D O2    1 
HETATM 177 N N3    A B7C A 1 8  ? 3.387   -2.122  -3.220  0.50 38.80 ? 8  B7C D N3    1 
HETATM 178 N N3    B B7C A 1 8  ? 3.371   -1.384  -3.586  0.50 39.53 ? 8  B7C D N3    1 
HETATM 179 C C4    A B7C A 1 8  ? 3.374   -1.333  -4.295  0.50 38.63 ? 8  B7C D C4    1 
HETATM 180 C C4    B B7C A 1 8  ? 3.633   -0.661  -4.671  0.50 38.82 ? 8  B7C D C4    1 
HETATM 181 N N4    A B7C A 1 8  ? 2.285   -1.359  -5.094  0.50 38.40 ? 8  B7C D N4    1 
HETATM 182 N N4    B B7C A 1 8  ? 2.630   -0.443  -5.548  0.50 39.13 ? 8  B7C D N4    1 
HETATM 183 C C5    A B7C A 1 8  ? 4.459   -0.459  -4.600  0.50 38.17 ? 8  B7C D C5    1 
HETATM 184 C C5    B B7C A 1 8  ? 4.916   -0.096  -4.913  0.50 38.82 ? 8  B7C D C5    1 
HETATM 185 C C7    A B7C A 1 8  ? 4.305   0.499   -5.676  0.50 38.17 ? 8  B7C D C7    1 
HETATM 186 C C7    B B7C A 1 8  ? 5.063   0.868   -5.980  0.50 39.65 ? 8  B7C D C7    1 
HETATM 187 C C8    A B7C A 1 8  ? 3.339   0.267   -6.575  0.50 38.41 ? 8  B7C D C8    1 
HETATM 188 C C8    B B7C A 1 8  ? 4.136   0.856   -6.956  0.50 40.21 ? 8  B7C D C8    1 
HETATM 189 C C9    A B7C A 1 8  ? 2.609   -1.056  -6.496  0.50 38.05 ? 8  B7C D C9    1 
HETATM 190 C C9    B B7C A 1 8  ? 3.103   -0.253  -6.925  0.50 39.77 ? 8  B7C D C9    1 
HETATM 191 C "C2'" A B7C A 1 8  ? 8.026   -1.179  -2.314  0.50 42.98 ? 8  B7C D "C2'" 1 
HETATM 192 C "C2'" B B7C A 1 8  ? 8.056   -1.193  -2.317  0.50 42.88 ? 8  B7C D "C2'" 1 
HETATM 193 C "C5'" A B7C A 1 8  ? 7.496   1.865   -1.789  0.50 42.74 ? 8  B7C D "C5'" 1 
HETATM 194 C "C5'" B B7C A 1 8  ? 7.490   1.859   -1.788  0.50 42.75 ? 8  B7C D "C5'" 1 
HETATM 195 C "C4'" A B7C A 1 8  ? 7.709   0.685   -0.879  0.50 43.01 ? 8  B7C D "C4'" 1 
HETATM 196 C "C4'" B B7C A 1 8  ? 7.696   0.673   -0.882  0.50 42.98 ? 8  B7C D "C4'" 1 
HETATM 197 O "O4'" A B7C A 1 8  ? 6.487   -0.074  -0.895  0.50 43.03 ? 8  B7C D "O4'" 1 
HETATM 198 O "O4'" B B7C A 1 8  ? 6.480   -0.088  -0.922  0.50 42.94 ? 8  B7C D "O4'" 1 
HETATM 199 C "C1'" A B7C A 1 8  ? 6.636   -1.237  -1.695  0.50 42.03 ? 8  B7C D "C1'" 1 
HETATM 200 C "C1'" B B7C A 1 8  ? 6.613   -1.196  -1.799  0.50 41.95 ? 8  B7C D "C1'" 1 
HETATM 201 C "C3'" A B7C A 1 8  ? 8.787   -0.276  -1.361  0.50 43.88 ? 8  B7C D "C3'" 1 
HETATM 202 C "C3'" B B7C A 1 8  ? 8.786   -0.284  -1.348  0.50 43.84 ? 8  B7C D "C3'" 1 
HETATM 203 O "O3'" A B7C A 1 8  ? 9.324   -1.000  -0.245  0.50 45.55 ? 8  B7C D "O3'" 1 
HETATM 204 O "O3'" B B7C A 1 8  ? 9.329   -1.001  -0.236  0.50 45.54 ? 8  B7C D "O3'" 1 
ATOM   205 P P     . DC  A 1 9  ? 10.525  -2.049  -0.473  1.00 47.16 ? 9  DC  D P     1 
ATOM   206 O OP1   . DC  A 1 9  ? 11.396  -2.023  0.736   1.00 45.26 ? 9  DC  D OP1   1 
ATOM   207 O OP2   . DC  A 1 9  ? 11.117  -1.802  -1.813  1.00 46.99 ? 9  DC  D OP2   1 
ATOM   208 O "O5'" . DC  A 1 9  ? 9.786   -3.450  -0.552  1.00 47.03 ? 9  DC  D "O5'" 1 
ATOM   209 C "C5'" . DC  A 1 9  ? 9.131   -3.993  0.583   1.00 49.22 ? 9  DC  D "C5'" 1 
ATOM   210 C "C4'" . DC  A 1 9  ? 8.659   -5.390  0.261   1.00 51.48 ? 9  DC  D "C4'" 1 
ATOM   211 O "O4'" . DC  A 1 9  ? 7.506   -5.323  -0.615  1.00 51.43 ? 9  DC  D "O4'" 1 
ATOM   212 C "C3'" . DC  A 1 9  ? 9.711   -6.209  -0.484  1.00 52.25 ? 9  DC  D "C3'" 1 
ATOM   213 O "O3'" . DC  A 1 9  ? 9.644   -7.563  -0.056  1.00 55.05 ? 9  DC  D "O3'" 1 
ATOM   214 C "C2'" . DC  A 1 9  ? 9.276   -6.103  -1.937  1.00 50.85 ? 9  DC  D "C2'" 1 
ATOM   215 C "C1'" . DC  A 1 9  ? 7.764   -6.033  -1.816  1.00 48.85 ? 9  DC  D "C1'" 1 
ATOM   216 N N1    . DC  A 1 9  ? 7.101   -5.310  -2.910  1.00 46.53 ? 9  DC  D N1    1 
ATOM   217 C C2    . DC  A 1 9  ? 5.817   -5.693  -3.289  1.00 45.81 ? 9  DC  D C2    1 
ATOM   218 O O2    . DC  A 1 9  ? 5.263   -6.616  -2.684  1.00 46.33 ? 9  DC  D O2    1 
ATOM   219 N N3    . DC  A 1 9  ? 5.212   -5.049  -4.307  1.00 45.20 ? 9  DC  D N3    1 
ATOM   220 C C4    . DC  A 1 9  ? 5.841   -4.059  -4.939  1.00 44.62 ? 9  DC  D C4    1 
ATOM   221 N N4    . DC  A 1 9  ? 5.212   -3.465  -5.959  1.00 43.44 ? 9  DC  D N4    1 
ATOM   222 C C5    . DC  A 1 9  ? 7.145   -3.639  -4.559  1.00 44.71 ? 9  DC  D C5    1 
ATOM   223 C C6    . DC  A 1 9  ? 7.731   -4.286  -3.550  1.00 46.22 ? 9  DC  D C6    1 
ATOM   224 P P     . DG  A 1 10 ? 10.931  -8.508  -0.191  1.00 56.92 ? 10 DG  D P     1 
ATOM   225 O OP1   . DG  A 1 10 ? 11.639  -8.456  1.120   1.00 55.18 ? 10 DG  D OP1   1 
ATOM   226 O OP2   . DG  A 1 10 ? 11.658  -8.160  -1.449  1.00 56.43 ? 10 DG  D OP2   1 
ATOM   227 O "O5'" . DG  A 1 10 ? 10.289  -9.951  -0.384  1.00 56.57 ? 10 DG  D "O5'" 1 
ATOM   228 C "C5'" . DG  A 1 10 ? 9.100   -10.319 0.314   1.00 55.71 ? 10 DG  D "C5'" 1 
ATOM   229 C "C4'" . DG  A 1 10 ? 8.150   -11.033 -0.616  1.00 54.78 ? 10 DG  D "C4'" 1 
ATOM   230 O "O4'" . DG  A 1 10 ? 7.586   -10.104 -1.573  1.00 54.22 ? 10 DG  D "O4'" 1 
ATOM   231 C "C3'" . DG  A 1 10 ? 8.798   -12.142 -1.442  1.00 54.61 ? 10 DG  D "C3'" 1 
ATOM   232 O "O3'" . DG  A 1 10 ? 7.849   -13.186 -1.620  1.00 57.76 ? 10 DG  D "O3'" 1 
ATOM   233 C "C2'" . DG  A 1 10 ? 9.027   -11.472 -2.780  1.00 52.68 ? 10 DG  D "C2'" 1 
ATOM   234 C "C1'" . DG  A 1 10 ? 7.775   -10.627 -2.875  1.00 52.78 ? 10 DG  D "C1'" 1 
ATOM   235 N N9    . DG  A 1 10 ? 7.838   -9.514  -3.819  1.00 51.99 ? 10 DG  D N9    1 
ATOM   236 C C8    . DG  A 1 10 ? 8.887   -8.647  -4.010  1.00 52.94 ? 10 DG  D C8    1 
ATOM   237 N N7    . DG  A 1 10 ? 8.658   -7.767  -4.947  1.00 51.12 ? 10 DG  D N7    1 
ATOM   238 C C5    . DG  A 1 10 ? 7.380   -8.066  -5.398  1.00 49.44 ? 10 DG  D C5    1 
ATOM   239 C C6    . DG  A 1 10 ? 6.599   -7.453  -6.402  1.00 47.51 ? 10 DG  D C6    1 
ATOM   240 O O6    . DG  A 1 10 ? 6.887   -6.494  -7.117  1.00 46.26 ? 10 DG  D O6    1 
ATOM   241 N N1    . DG  A 1 10 ? 5.362   -8.067  -6.535  1.00 46.76 ? 10 DG  D N1    1 
ATOM   242 C C2    . DG  A 1 10 ? 4.931   -9.139  -5.793  1.00 48.32 ? 10 DG  D C2    1 
ATOM   243 N N2    . DG  A 1 10 ? 3.702   -9.591  -6.063  1.00 46.51 ? 10 DG  D N2    1 
ATOM   244 N N3    . DG  A 1 10 ? 5.652   -9.722  -4.851  1.00 49.25 ? 10 DG  D N3    1 
ATOM   245 C C4    . DG  A 1 10 ? 6.860   -9.140  -4.707  1.00 50.42 ? 10 DG  D C4    1 
ATOM   246 P P     . DC  A 1 11 ? 8.152   -14.645 -1.036  1.00 58.85 ? 11 DC  D P     1 
ATOM   247 O OP1   . DC  A 1 11 ? 8.651   -14.456 0.350   1.00 59.67 ? 11 DC  D OP1   1 
ATOM   248 O OP2   . DC  A 1 11 ? 8.973   -15.400 -2.015  1.00 56.33 ? 11 DC  D OP2   1 
ATOM   249 O "O5'" . DC  A 1 11 ? 6.703   -15.299 -0.987  1.00 59.70 ? 11 DC  D "O5'" 1 
ATOM   250 C "C5'" . DC  A 1 11 ? 5.529   -14.483 -0.932  1.00 61.62 ? 11 DC  D "C5'" 1 
ATOM   251 C "C4'" . DC  A 1 11 ? 4.673   -14.704 -2.159  1.00 64.19 ? 11 DC  D "C4'" 1 
ATOM   252 O "O4'" . DC  A 1 11 ? 4.946   -13.724 -3.190  1.00 63.34 ? 11 DC  D "O4'" 1 
ATOM   253 C "C3'" . DC  A 1 11 ? 4.791   -16.073 -2.838  1.00 65.75 ? 11 DC  D "C3'" 1 
ATOM   254 O "O3'" . DC  A 1 11 ? 3.487   -16.531 -3.190  1.00 69.31 ? 11 DC  D "O3'" 1 
ATOM   255 C "C2'" . DC  A 1 11 ? 5.581   -15.776 -4.104  1.00 63.00 ? 11 DC  D "C2'" 1 
ATOM   256 C "C1'" . DC  A 1 11 ? 5.090   -14.382 -4.442  1.00 61.51 ? 11 DC  D "C1'" 1 
ATOM   257 N N1    . DC  A 1 11 ? 5.996   -13.569 -5.260  1.00 59.39 ? 11 DC  D N1    1 
ATOM   258 C C2    . DC  A 1 11 ? 5.506   -12.972 -6.430  1.00 58.39 ? 11 DC  D C2    1 
ATOM   259 O O2    . DC  A 1 11 ? 4.342   -13.218 -6.796  1.00 57.76 ? 11 DC  D O2    1 
ATOM   260 N N3    . DC  A 1 11 ? 6.317   -12.152 -7.134  1.00 57.12 ? 11 DC  D N3    1 
ATOM   261 C C4    . DC  A 1 11 ? 7.570   -11.939 -6.725  1.00 56.83 ? 11 DC  D C4    1 
ATOM   262 N N4    . DC  A 1 11 ? 8.326   -11.106 -7.427  1.00 55.28 ? 11 DC  D N4    1 
ATOM   263 C C5    . DC  A 1 11 ? 8.101   -12.571 -5.571  1.00 57.97 ? 11 DC  D C5    1 
ATOM   264 C C6    . DC  A 1 11 ? 7.289   -13.369 -4.873  1.00 58.83 ? 11 DC  D C6    1 
ATOM   265 P P     . DG  A 1 12 ? 3.302   -17.976 -3.868  1.00 74.27 ? 12 DG  D P     1 
ATOM   266 O OP1   . DG  A 1 12 ? 1.969   -18.456 -3.404  1.00 73.11 ? 12 DG  D OP1   1 
ATOM   267 O OP2   . DG  A 1 12 ? 4.518   -18.823 -3.638  1.00 71.99 ? 12 DG  D OP2   1 
ATOM   268 O "O5'" . DG  A 1 12 ? 3.218   -17.653 -5.432  1.00 72.79 ? 12 DG  D "O5'" 1 
ATOM   269 C "C5'" . DG  A 1 12 ? 1.970   -17.357 -6.067  1.00 69.00 ? 12 DG  D "C5'" 1 
ATOM   270 C "C4'" . DG  A 1 12 ? 2.065   -17.620 -7.550  1.00 66.79 ? 12 DG  D "C4'" 1 
ATOM   271 O "O4'" . DG  A 1 12 ? 2.979   -16.666 -8.148  1.00 66.03 ? 12 DG  D "O4'" 1 
ATOM   272 C "C3'" . DG  A 1 12 ? 2.616   -19.003 -7.908  1.00 66.14 ? 12 DG  D "C3'" 1 
ATOM   273 O "O3'" . DG  A 1 12 ? 2.209   -19.445 -9.201  1.00 67.91 ? 12 DG  D "O3'" 1 
ATOM   274 C "C2'" . DG  A 1 12 ? 4.092   -18.736 -8.115  1.00 65.18 ? 12 DG  D "C2'" 1 
ATOM   275 C "C1'" . DG  A 1 12 ? 4.079   -17.352 -8.740  1.00 63.24 ? 12 DG  D "C1'" 1 
ATOM   276 N N9    . DG  A 1 12 ? 5.296   -16.594 -8.461  1.00 60.74 ? 12 DG  D N9    1 
ATOM   277 C C8    . DG  A 1 12 ? 6.219   -16.867 -7.482  1.00 59.74 ? 12 DG  D C8    1 
ATOM   278 N N7    . DG  A 1 12 ? 7.245   -16.064 -7.507  1.00 58.89 ? 12 DG  D N7    1 
ATOM   279 C C5    . DG  A 1 12 ? 6.983   -15.199 -8.556  1.00 57.77 ? 12 DG  D C5    1 
ATOM   280 C C6    . DG  A 1 12 ? 7.747   -14.134 -9.070  1.00 56.68 ? 12 DG  D C6    1 
ATOM   281 O O6    . DG  A 1 12 ? 8.853   -13.734 -8.697  1.00 56.14 ? 12 DG  D O6    1 
ATOM   282 N N1    . DG  A 1 12 ? 7.106   -13.509 -10.132 1.00 55.63 ? 12 DG  D N1    1 
ATOM   283 C C2    . DG  A 1 12 ? 5.886   -13.864 -10.636 1.00 54.85 ? 12 DG  D C2    1 
ATOM   284 N N2    . DG  A 1 12 ? 5.433   -13.123 -11.648 1.00 54.60 ? 12 DG  D N2    1 
ATOM   285 N N3    . DG  A 1 12 ? 5.164   -14.871 -10.181 1.00 57.28 ? 12 DG  D N3    1 
ATOM   286 C C4    . DG  A 1 12 ? 5.771   -15.494 -9.145  1.00 59.05 ? 12 DG  D C4    1 
ATOM   287 O "O5'" . DC  B 1 1  ? 11.879  -8.913  -17.016 1.00 55.79 ? 13 DC  E "O5'" 1 
ATOM   288 C "C5'" . DC  B 1 1  ? 11.019  -7.985  -16.326 1.00 53.15 ? 13 DC  E "C5'" 1 
ATOM   289 C "C4'" . DC  B 1 1  ? 9.567   -8.367  -16.498 1.00 51.86 ? 13 DC  E "C4'" 1 
ATOM   290 O "O4'" . DC  B 1 1  ? 9.312   -9.583  -15.760 1.00 50.56 ? 13 DC  E "O4'" 1 
ATOM   291 C "C3'" . DC  B 1 1  ? 8.552   -7.344  -15.994 1.00 50.92 ? 13 DC  E "C3'" 1 
ATOM   292 O "O3'" . DC  B 1 1  ? 7.423   -7.316  -16.879 1.00 51.92 ? 13 DC  E "O3'" 1 
ATOM   293 C "C2'" . DC  B 1 1  ? 8.189   -7.856  -14.609 1.00 50.08 ? 13 DC  E "C2'" 1 
ATOM   294 C "C1'" . DC  B 1 1  ? 8.365   -9.364  -14.723 1.00 49.18 ? 13 DC  E "C1'" 1 
ATOM   295 N N1    . DC  B 1 1  ? 8.911   -9.996  -13.516 1.00 47.39 ? 13 DC  E N1    1 
ATOM   296 C C2    . DC  B 1 1  ? 8.082   -10.786 -12.702 1.00 45.99 ? 13 DC  E C2    1 
ATOM   297 O O2    . DC  B 1 1  ? 6.892   -10.924 -13.005 1.00 44.30 ? 13 DC  E O2    1 
ATOM   298 N N3    . DC  B 1 1  ? 8.609   -11.384 -11.611 1.00 46.43 ? 13 DC  E N3    1 
ATOM   299 C C4    . DC  B 1 1  ? 9.902   -11.222 -11.321 1.00 47.05 ? 13 DC  E C4    1 
ATOM   300 N N4    . DC  B 1 1  ? 10.386  -11.846 -10.252 1.00 46.92 ? 13 DC  E N4    1 
ATOM   301 C C5    . DC  B 1 1  ? 10.760  -10.415 -12.122 1.00 47.97 ? 13 DC  E C5    1 
ATOM   302 C C6    . DC  B 1 1  ? 10.226  -9.823  -13.197 1.00 47.13 ? 13 DC  E C6    1 
ATOM   303 P P     . DG  B 1 2  ? 6.135   -6.414  -16.517 1.00 53.92 ? 14 DG  E P     1 
ATOM   304 O OP1   . DG  B 1 2  ? 5.397   -6.151  -17.774 1.00 54.03 ? 14 DG  E OP1   1 
ATOM   305 O OP2   . DG  B 1 2  ? 6.516   -5.274  -15.630 1.00 52.00 ? 14 DG  E OP2   1 
ATOM   306 O "O5'" . DG  B 1 2  ? 5.215   -7.415  -15.698 1.00 52.83 ? 14 DG  E "O5'" 1 
ATOM   307 C "C5'" . DG  B 1 2  ? 4.464   -8.416  -16.368 1.00 48.22 ? 14 DG  E "C5'" 1 
ATOM   308 C "C4'" . DG  B 1 2  ? 3.152   -8.619  -15.652 1.00 44.99 ? 14 DG  E "C4'" 1 
ATOM   309 O "O4'" . DG  B 1 2  ? 3.418   -9.206  -14.357 1.00 43.67 ? 14 DG  E "O4'" 1 
ATOM   310 C "C3'" . DG  B 1 2  ? 2.419   -7.313  -15.381 1.00 43.42 ? 14 DG  E "C3'" 1 
ATOM   311 O "O3'" . DG  B 1 2  ? 1.011   -7.518  -15.503 1.00 44.53 ? 14 DG  E "O3'" 1 
ATOM   312 C "C2'" . DG  B 1 2  ? 2.855   -6.943  -13.971 1.00 40.14 ? 14 DG  E "C2'" 1 
ATOM   313 C "C1'" . DG  B 1 2  ? 3.106   -8.293  -13.310 1.00 39.67 ? 14 DG  E "C1'" 1 
ATOM   314 N N9    . DG  B 1 2  ? 4.235   -8.297  -12.379 1.00 35.65 ? 14 DG  E N9    1 
ATOM   315 C C8    . DG  B 1 2  ? 5.312   -7.449  -12.396 1.00 32.33 ? 14 DG  E C8    1 
ATOM   316 N N7    . DG  B 1 2  ? 6.163   -7.686  -11.439 1.00 30.65 ? 14 DG  E N7    1 
ATOM   317 C C5    . DG  B 1 2  ? 5.621   -8.756  -10.749 1.00 30.61 ? 14 DG  E C5    1 
ATOM   318 C C6    . DG  B 1 2  ? 6.112   -9.448  -9.627  1.00 30.95 ? 14 DG  E C6    1 
ATOM   319 O O6    . DG  B 1 2  ? 7.175   -9.250  -9.009  1.00 32.63 ? 14 DG  E O6    1 
ATOM   320 N N1    . DG  B 1 2  ? 5.248   -10.465 -9.235  1.00 28.20 ? 14 DG  E N1    1 
ATOM   321 C C2    . DG  B 1 2  ? 4.075   -10.780 -9.854  1.00 29.00 ? 14 DG  E C2    1 
ATOM   322 N N2    . DG  B 1 2  ? 3.377   -11.792 -9.313  1.00 30.27 ? 14 DG  E N2    1 
ATOM   323 N N3    . DG  B 1 2  ? 3.611   -10.150 -10.921 1.00 31.14 ? 14 DG  E N3    1 
ATOM   324 C C4    . DG  B 1 2  ? 4.433   -9.150  -11.309 1.00 32.46 ? 14 DG  E C4    1 
ATOM   325 P P     . DC  B 1 3  ? -0.001  -6.546  -14.732 1.00 45.30 ? 15 DC  E P     1 
ATOM   326 O OP1   . DC  B 1 3  ? -1.324  -6.717  -15.374 1.00 46.97 ? 15 DC  E OP1   1 
ATOM   327 O OP2   . DC  B 1 3  ? 0.600   -5.184  -14.614 1.00 43.71 ? 15 DC  E OP2   1 
ATOM   328 O "O5'" . DC  B 1 3  ? -0.071  -7.202  -13.290 1.00 43.15 ? 15 DC  E "O5'" 1 
ATOM   329 C "C5'" . DC  B 1 3  ? -0.476  -8.548  -13.138 1.00 41.10 ? 15 DC  E "C5'" 1 
ATOM   330 C "C4'" . DC  B 1 3  ? -0.793  -8.813  -11.690 1.00 41.22 ? 15 DC  E "C4'" 1 
ATOM   331 O "O4'" . DC  B 1 3  ? 0.441   -8.770  -10.932 1.00 41.24 ? 15 DC  E "O4'" 1 
ATOM   332 C "C3'" . DC  B 1 3  ? -1.691  -7.735  -11.096 1.00 40.52 ? 15 DC  E "C3'" 1 
ATOM   333 O "O3'" . DC  B 1 3  ? -2.669  -8.288  -10.243 1.00 40.21 ? 15 DC  E "O3'" 1 
ATOM   334 C "C2'" . DC  B 1 3  ? -0.746  -6.867  -10.287 1.00 41.21 ? 15 DC  E "C2'" 1 
ATOM   335 C "C1'" . DC  B 1 3  ? 0.336   -7.840  -9.869  1.00 38.41 ? 15 DC  E "C1'" 1 
ATOM   336 N N1    . DC  B 1 3  ? 1.649   -7.212  -9.705  1.00 35.92 ? 15 DC  E N1    1 
ATOM   337 C C2    . DC  B 1 3  ? 2.495   -7.688  -8.717  1.00 34.78 ? 15 DC  E C2    1 
ATOM   338 O O2    . DC  B 1 3  ? 2.109   -8.636  -8.020  1.00 34.15 ? 15 DC  E O2    1 
ATOM   339 N N3    . DC  B 1 3  ? 3.706   -7.114  -8.546  1.00 34.11 ? 15 DC  E N3    1 
ATOM   340 C C4    . DC  B 1 3  ? 4.075   -6.101  -9.330  1.00 35.79 ? 15 DC  E C4    1 
ATOM   341 N N4    . DC  B 1 3  ? 5.276   -5.556  -9.131  1.00 37.07 ? 15 DC  E N4    1 
ATOM   342 C C5    . DC  B 1 3  ? 3.233   -5.597  -10.357 1.00 36.22 ? 15 DC  E C5    1 
ATOM   343 C C6    . DC  B 1 3  ? 2.040   -6.178  -10.509 1.00 36.24 ? 15 DC  E C6    1 
ATOM   344 P P     . DG  B 1 4  ? -4.035  -7.489  -10.019 1.00 42.03 ? 16 DG  E P     1 
ATOM   345 O OP1   . DG  B 1 4  ? -5.046  -8.101  -10.913 1.00 41.93 ? 16 DG  E OP1   1 
ATOM   346 O OP2   . DG  B 1 4  ? -3.745  -6.036  -10.134 1.00 41.83 ? 16 DG  E OP2   1 
ATOM   347 O "O5'" . DG  B 1 4  ? -4.392  -7.839  -8.514  1.00 40.33 ? 16 DG  E "O5'" 1 
ATOM   348 C "C5'" . DG  B 1 4  ? -4.254  -9.172  -8.056  1.00 40.23 ? 16 DG  E "C5'" 1 
ATOM   349 C "C4'" . DG  B 1 4  ? -3.596  -9.199  -6.699  1.00 39.56 ? 16 DG  E "C4'" 1 
ATOM   350 O "O4'" . DG  B 1 4  ? -2.266  -8.632  -6.772  1.00 38.97 ? 16 DG  E "O4'" 1 
ATOM   351 C "C3'" . DG  B 1 4  ? -4.323  -8.402  -5.620  1.00 40.47 ? 16 DG  E "C3'" 1 
ATOM   352 O "O3'" . DG  B 1 4  ? -4.141  -9.092  -4.395  1.00 42.68 ? 16 DG  E "O3'" 1 
ATOM   353 C "C2'" . DG  B 1 4  ? -3.536  -7.108  -5.563  1.00 38.18 ? 16 DG  E "C2'" 1 
ATOM   354 C "C1'" . DG  B 1 4  ? -2.134  -7.633  -5.772  1.00 35.75 ? 16 DG  E "C1'" 1 
ATOM   355 N N9    . DG  B 1 4  ? -1.151  -6.653  -6.231  1.00 31.51 ? 16 DG  E N9    1 
ATOM   356 C C8    . DG  B 1 4  ? -1.326  -5.680  -7.184  1.00 30.53 ? 16 DG  E C8    1 
ATOM   357 N N7    . DG  B 1 4  ? -0.249  -4.977  -7.403  1.00 27.97 ? 16 DG  E N7    1 
ATOM   358 C C5    . DG  B 1 4  ? 0.692   -5.518  -6.539  1.00 27.80 ? 16 DG  E C5    1 
ATOM   359 C C6    . DG  B 1 4  ? 2.052   -5.184  -6.347  1.00 26.77 ? 16 DG  E C6    1 
ATOM   360 O O6    . DG  B 1 4  ? 2.731   -4.333  -6.939  1.00 26.56 ? 16 DG  E O6    1 
ATOM   361 N N1    . DG  B 1 4  ? 2.634   -5.974  -5.364  1.00 25.20 ? 16 DG  E N1    1 
ATOM   362 C C2    . DG  B 1 4  ? 1.999   -6.979  -4.678  1.00 27.05 ? 16 DG  E C2    1 
ATOM   363 N N2    . DG  B 1 4  ? 2.754   -7.655  -3.789  1.00 28.49 ? 16 DG  E N2    1 
ATOM   364 N N3    . DG  B 1 4  ? 0.729   -7.310  -4.858  1.00 26.28 ? 16 DG  E N3    1 
ATOM   365 C C4    . DG  B 1 4  ? 0.141   -6.542  -5.796  1.00 27.98 ? 16 DG  E C4    1 
ATOM   366 P P     A DA  B 1 5  ? -5.269  -9.013  -3.258  0.50 43.69 ? 17 DA  E P     1 
ATOM   367 P P     B DA  B 1 5  ? -5.269  -9.014  -3.259  0.50 43.65 ? 17 DA  E P     1 
ATOM   368 O OP1   A DA  B 1 5  ? -6.280  -10.072 -3.534  0.50 44.09 ? 17 DA  E OP1   1 
ATOM   369 O OP1   B DA  B 1 5  ? -6.280  -10.071 -3.535  0.50 44.07 ? 17 DA  E OP1   1 
ATOM   370 O OP2   . DA  B 1 5  ? -5.703  -7.602  -3.113  1.00 43.73 ? 17 DA  E OP2   1 
ATOM   371 O "O5'" A DA  B 1 5  ? -4.466  -9.427  -1.951  0.50 42.00 ? 17 DA  E "O5'" 1 
ATOM   372 O "O5'" B DA  B 1 5  ? -4.470  -9.428  -1.950  0.50 41.90 ? 17 DA  E "O5'" 1 
ATOM   373 C "C5'" A DA  B 1 5  ? -3.518  -10.484 -1.996  0.50 41.49 ? 17 DA  E "C5'" 1 
ATOM   374 C "C5'" B DA  B 1 5  ? -3.506  -10.468 -2.000  0.50 41.28 ? 17 DA  E "C5'" 1 
ATOM   375 C "C4'" A DA  B 1 5  ? -2.340  -10.157 -1.115  0.50 41.37 ? 17 DA  E "C4'" 1 
ATOM   376 C "C4'" B DA  B 1 5  ? -2.323  -10.113 -1.129  0.50 41.11 ? 17 DA  E "C4'" 1 
ATOM   377 O "O4'" A DA  B 1 5  ? -1.517  -9.132  -1.715  0.50 41.23 ? 17 DA  E "O4'" 1 
ATOM   378 O "O4'" B DA  B 1 5  ? -1.491  -9.082  -1.728  0.50 40.92 ? 17 DA  E "O4'" 1 
ATOM   379 C "C3'" A DA  B 1 5  ? -2.737  -9.619  0.255   0.50 41.95 ? 17 DA  E "C3'" 1 
ATOM   380 C "C3'" B DA  B 1 5  ? -2.725  -9.567  0.233   0.50 41.73 ? 17 DA  E "C3'" 1 
ATOM   381 O "O3'" A DA  B 1 5  ? -1.806  -10.085 1.218   0.50 42.55 ? 17 DA  E "O3'" 1 
ATOM   382 O "O3'" B DA  B 1 5  ? -1.812  -10.074 1.205   0.50 42.44 ? 17 DA  E "O3'" 1 
ATOM   383 C "C2'" A DA  B 1 5  ? -2.611  -8.115  0.093   0.50 41.82 ? 17 DA  E "C2'" 1 
ATOM   384 C "C2'" B DA  B 1 5  ? -2.518  -8.069  0.065   0.50 41.40 ? 17 DA  E "C2'" 1 
ATOM   385 C "C1'" A DA  B 1 5  ? -1.421  -8.010  -0.841  0.50 40.68 ? 17 DA  E "C1'" 1 
ATOM   386 C "C1'" B DA  B 1 5  ? -1.268  -8.045  -0.781  0.50 39.97 ? 17 DA  E "C1'" 1 
ATOM   387 N N9    A DA  B 1 5  ? -1.389  -6.808  -1.674  0.50 38.93 ? 17 DA  E N9    1 
ATOM   388 N N9    B DA  B 1 5  ? -0.984  -6.801  -1.517  0.50 37.89 ? 17 DA  E N9    1 
ATOM   389 C C8    A DA  B 1 5  ? -2.412  -6.252  -2.404  0.50 37.72 ? 17 DA  E C8    1 
ATOM   390 C C8    B DA  B 1 5  ? -1.870  -6.059  -2.279  0.50 36.72 ? 17 DA  E C8    1 
ATOM   391 N N7    A DA  B 1 5  ? -2.044  -5.220  -3.123  0.50 36.78 ? 17 DA  E N7    1 
ATOM   392 N N7    B DA  B 1 5  ? -1.325  -5.025  -2.874  0.50 35.41 ? 17 DA  E N7    1 
ATOM   393 C C5    A DA  B 1 5  ? -0.695  -5.077  -2.832  0.50 36.82 ? 17 DA  E C5    1 
ATOM   394 C C5    B DA  B 1 5  ? 0.005   -5.066  -2.470  0.50 35.59 ? 17 DA  E C5    1 
ATOM   395 C C6    A DA  B 1 5  ? 0.277   -4.176  -3.293  0.50 37.13 ? 17 DA  E C6    1 
ATOM   396 C C6    B DA  B 1 5  ? 1.114   -4.226  -2.765  0.50 35.03 ? 17 DA  E C6    1 
ATOM   397 N N6    A DA  B 1 5  ? 0.031   -3.227  -4.202  0.50 38.36 ? 17 DA  E N6    1 
ATOM   398 N N6    B DA  B 1 5  ? 1.042   -3.162  -3.563  0.50 35.09 ? 17 DA  E N6    1 
ATOM   399 N N1    A DA  B 1 5  ? 1.526   -4.290  -2.795  0.50 36.11 ? 17 DA  E N1    1 
ATOM   400 N N1    B DA  B 1 5  ? 2.302   -4.530  -2.207  0.50 34.63 ? 17 DA  E N1    1 
ATOM   401 C C2    A DA  B 1 5  ? 1.772   -5.257  -1.902  0.50 36.71 ? 17 DA  E C2    1 
ATOM   402 C C2    B DA  B 1 5  ? 2.371   -5.602  -1.406  0.50 35.64 ? 17 DA  E C2    1 
ATOM   403 N N3    A DA  B 1 5  ? 0.944   -6.176  -1.405  0.50 36.89 ? 17 DA  E N3    1 
ATOM   404 N N3    B DA  B 1 5  ? 1.404   -6.472  -1.050  0.50 36.38 ? 17 DA  E N3    1 
ATOM   405 C C4    A DA  B 1 5  ? -0.287  -6.030  -1.919  0.50 37.07 ? 17 DA  E C4    1 
ATOM   406 C C4    B DA  B 1 5  ? 0.231   -6.145  -1.621  0.50 36.10 ? 17 DA  E C4    1 
ATOM   407 P P     . DA  B 1 6  ? -2.106  -9.856  2.761   1.00 41.81 ? 18 DA  E P     1 
ATOM   408 O OP1   . DA  B 1 6  ? -1.707  -11.108 3.446   1.00 44.84 ? 18 DA  E OP1   1 
ATOM   409 O OP2   . DA  B 1 6  ? -3.502  -9.366  2.862   1.00 41.87 ? 18 DA  E OP2   1 
ATOM   410 O "O5'" . DA  B 1 6  ? -1.061  -8.729  3.174   1.00 42.87 ? 18 DA  E "O5'" 1 
ATOM   411 C "C5'" . DA  B 1 6  ? 0.334   -8.976  3.012   1.00 42.94 ? 18 DA  E "C5'" 1 
ATOM   412 C "C4'" . DA  B 1 6  ? 1.137   -7.712  3.211   1.00 43.71 ? 18 DA  E "C4'" 1 
ATOM   413 O "O4'" . DA  B 1 6  ? 0.951   -6.788  2.112   1.00 43.29 ? 18 DA  E "O4'" 1 
ATOM   414 C "C3'" . DA  B 1 6  ? 0.831   -6.918  4.481   1.00 44.66 ? 18 DA  E "C3'" 1 
ATOM   415 O "O3'" . DA  B 1 6  ? 2.064   -6.427  5.021   1.00 49.03 ? 18 DA  E "O3'" 1 
ATOM   416 C "C2'" . DA  B 1 6  ? 0.011   -5.749  3.964   1.00 41.64 ? 18 DA  E "C2'" 1 
ATOM   417 C "C1'" . DA  B 1 6  ? 0.706   -5.495  2.648   1.00 39.73 ? 18 DA  E "C1'" 1 
ATOM   418 N N9    . DA  B 1 6  ? -0.046  -4.720  1.661   1.00 36.24 ? 18 DA  E N9    1 
ATOM   419 C C8    . DA  B 1 6  ? -1.322  -4.919  1.210   1.00 36.25 ? 18 DA  E C8    1 
ATOM   420 N N7    . DA  B 1 6  ? -1.702  -4.052  0.302   1.00 36.00 ? 18 DA  E N7    1 
ATOM   421 C C5    . DA  B 1 6  ? -0.596  -3.230  0.144   1.00 33.15 ? 18 DA  E C5    1 
ATOM   422 C C6    . DA  B 1 6  ? -0.341  -2.126  -0.705  1.00 31.32 ? 18 DA  E C6    1 
ATOM   423 N N6    . DA  B 1 6  ? -1.205  -1.677  -1.610  1.00 26.42 ? 18 DA  E N6    1 
ATOM   424 N N1    . DA  B 1 6  ? 0.859   -1.515  -0.603  1.00 30.37 ? 18 DA  E N1    1 
ATOM   425 C C2    . DA  B 1 6  ? 1.748   -2.009  0.265   1.00 31.77 ? 18 DA  E C2    1 
ATOM   426 N N3    . DA  B 1 6  ? 1.637   -3.057  1.092   1.00 32.07 ? 18 DA  E N3    1 
ATOM   427 C C4    . DA  B 1 6  ? 0.427   -3.622  0.982   1.00 33.17 ? 18 DA  E C4    1 
ATOM   428 P P     . DT  B 1 7  ? 2.320   -6.486  6.607   1.00 52.36 ? 19 DT  E P     1 
ATOM   429 O OP1   . DT  B 1 7  ? 3.668   -7.075  6.830   1.00 50.96 ? 19 DT  E OP1   1 
ATOM   430 O OP2   . DT  B 1 7  ? 1.114   -7.111  7.226   1.00 52.17 ? 19 DT  E OP2   1 
ATOM   431 O "O5'" . DT  B 1 7  ? 2.385   -4.962  7.047   1.00 49.77 ? 19 DT  E "O5'" 1 
ATOM   432 C "C5'" . DT  B 1 7  ? 1.999   -3.957  6.136   1.00 49.74 ? 19 DT  E "C5'" 1 
ATOM   433 C "C4'" . DT  B 1 7  ? 3.181   -3.086  5.781   1.00 48.70 ? 19 DT  E "C4'" 1 
ATOM   434 O "O4'" . DT  B 1 7  ? 2.905   -2.544  4.474   1.00 46.25 ? 19 DT  E "O4'" 1 
ATOM   435 C "C3'" . DT  B 1 7  ? 3.363   -1.885  6.707   1.00 48.55 ? 19 DT  E "C3'" 1 
ATOM   436 O "O3'" . DT  B 1 7  ? 4.740   -1.505  6.841   1.00 48.66 ? 19 DT  E "O3'" 1 
ATOM   437 C "C2'" . DT  B 1 7  ? 2.535   -0.803  6.038   1.00 46.18 ? 19 DT  E "C2'" 1 
ATOM   438 C "C1'" . DT  B 1 7  ? 2.538   -1.176  4.564   1.00 43.38 ? 19 DT  E "C1'" 1 
ATOM   439 N N1    . DT  B 1 7  ? 1.243   -1.033  3.877   1.00 39.61 ? 19 DT  E N1    1 
ATOM   440 C C2    . DT  B 1 7  ? 1.147   -0.104  2.871   1.00 38.93 ? 19 DT  E C2    1 
ATOM   441 O O2    . DT  B 1 7  ? 2.071   0.628   2.551   1.00 39.46 ? 19 DT  E O2    1 
ATOM   442 N N3    . DT  B 1 7  ? -0.075  -0.055  2.253   1.00 36.95 ? 19 DT  E N3    1 
ATOM   443 C C4    . DT  B 1 7  ? -1.189  -0.805  2.551   1.00 37.65 ? 19 DT  E C4    1 
ATOM   444 O O4    . DT  B 1 7  ? -2.223  -0.632  1.910   1.00 39.38 ? 19 DT  E O4    1 
ATOM   445 C C5    . DT  B 1 7  ? -1.027  -1.750  3.632   1.00 38.19 ? 19 DT  E C5    1 
ATOM   446 C C7    . DT  B 1 7  ? -2.190  -2.597  4.043   1.00 35.86 ? 19 DT  E C7    1 
ATOM   447 C C6    . DT  B 1 7  ? 0.171   -1.820  4.230   1.00 38.80 ? 19 DT  E C6    1 
HETATM 448 P P     A B7C B 1 8  ? 5.127   -0.265  7.792   0.50 49.47 ? 20 B7C E P     1 
HETATM 449 P P     B B7C B 1 8  ? 5.131   -0.263  7.787   0.50 49.33 ? 20 B7C E P     1 
HETATM 450 O OP1   A B7C B 1 8  ? 6.606   -0.217  7.891   0.50 49.61 ? 20 B7C E OP1   1 
HETATM 451 O OP1   B B7C B 1 8  ? 6.608   -0.217  7.891   0.50 49.53 ? 20 B7C E OP1   1 
HETATM 452 O OP2   A B7C B 1 8  ? 4.310   -0.324  9.032   0.50 49.06 ? 20 B7C E OP2   1 
HETATM 453 O OP2   B B7C B 1 8  ? 4.312   -0.325  9.031   0.50 48.97 ? 20 B7C E OP2   1 
HETATM 454 O "O5'" A B7C B 1 8  ? 4.657   1.001   6.952   0.50 47.85 ? 20 B7C E "O5'" 1 
HETATM 455 O "O5'" B B7C B 1 8  ? 4.652   1.009   6.953   0.50 47.60 ? 20 B7C E "O5'" 1 
HETATM 456 N N1    A B7C B 1 8  ? 1.527   3.277   5.141   0.50 41.13 ? 20 B7C E N1    1 
HETATM 457 N N1    B B7C B 1 8  ? 1.344   2.817   5.663   0.50 40.12 ? 20 B7C E N1    1 
HETATM 458 C C6    A B7C B 1 8  ? 1.062   2.289   5.959   0.50 40.19 ? 20 B7C E C6    1 
HETATM 459 C C6    B B7C B 1 8  ? 1.200   1.856   6.662   0.50 39.58 ? 20 B7C E C6    1 
HETATM 460 C C2    A B7C B 1 8  ? 0.718   3.783   4.104   0.50 40.75 ? 20 B7C E C2    1 
HETATM 461 C C2    B B7C B 1 8  ? 0.216   3.078   4.790   0.50 39.48 ? 20 B7C E C2    1 
HETATM 462 O O2    A B7C B 1 8  ? 1.124   4.743   3.431   0.50 41.31 ? 20 B7C E O2    1 
HETATM 463 O O2    B B7C B 1 8  ? 0.326   3.946   3.880   0.50 38.84 ? 20 B7C E O2    1 
HETATM 464 N N3    A B7C B 1 8  ? -0.487  3.215   3.872   0.50 39.22 ? 20 B7C E N3    1 
HETATM 465 N N3    B B7C B 1 8  ? -0.931  2.396   4.968   0.50 38.66 ? 20 B7C E N3    1 
HETATM 466 C C4    A B7C B 1 8  ? -0.898  2.205   4.642   0.50 39.55 ? 20 B7C E C4    1 
HETATM 467 C C4    B B7C B 1 8  ? -1.026  1.489   5.960   0.50 39.07 ? 20 B7C E C4    1 
HETATM 468 N N4    A B7C B 1 8  ? -2.052  1.589   4.322   0.50 39.68 ? 20 B7C E N4    1 
HETATM 469 N N4    B B7C B 1 8  ? -2.196  0.784   6.070   0.50 40.07 ? 20 B7C E N4    1 
HETATM 470 C C5    A B7C B 1 8  ? -0.129  1.736   5.750   0.50 39.70 ? 20 B7C E C5    1 
HETATM 471 C C5    B B7C B 1 8  ? 0.058   1.215   6.859   0.50 39.67 ? 20 B7C E C5    1 
HETATM 472 C C7    A B7C B 1 8  ? -0.618  0.628   6.543   0.50 40.05 ? 20 B7C E C7    1 
HETATM 473 C C7    B B7C B 1 8  ? -0.013  0.013   7.696   0.50 41.05 ? 20 B7C E C7    1 
HETATM 474 C C8    A B7C B 1 8  ? -1.864  0.206   6.320   0.50 40.33 ? 20 B7C E C8    1 
HETATM 475 C C8    B B7C B 1 8  ? -1.231  -0.582  7.852   0.50 40.10 ? 20 B7C E C8    1 
HETATM 476 C C9    A B7C B 1 8  ? -2.773  1.089   5.499   0.50 39.98 ? 20 B7C E C9    1 
HETATM 477 C C9    B B7C B 1 8  ? -2.441  0.197   7.414   0.50 40.16 ? 20 B7C E C9    1 
HETATM 478 C "C2'" A B7C B 1 8  ? 3.354   3.903   6.743   0.50 43.14 ? 20 B7C E "C2'" 1 
HETATM 479 C "C2'" B B7C B 1 8  ? 3.319   3.922   6.840   0.50 42.49 ? 20 B7C E "C2'" 1 
HETATM 480 C "C5'" A B7C B 1 8  ? 5.391   1.413   5.808   0.50 46.03 ? 20 B7C E "C5'" 1 
HETATM 481 C "C5'" B B7C B 1 8  ? 5.359   1.452   5.796   0.50 45.54 ? 20 B7C E "C5'" 1 
HETATM 482 C "C4'" A B7C B 1 8  ? 5.014   2.822   5.420   0.50 44.78 ? 20 B7C E "C4'" 1 
HETATM 483 C "C4'" B B7C B 1 8  ? 4.849   2.807   5.363   0.50 44.15 ? 20 B7C E "C4'" 1 
HETATM 484 O "O4'" A B7C B 1 8  ? 3.754   2.842   4.716   0.50 44.24 ? 20 B7C E "O4'" 1 
HETATM 485 O "O4'" B B7C B 1 8  ? 3.521   2.699   4.826   0.50 43.10 ? 20 B7C E "O4'" 1 
HETATM 486 C "C1'" A B7C B 1 8  ? 2.886   3.790   5.309   0.50 42.20 ? 20 B7C E "C1'" 1 
HETATM 487 C "C1'" B B7C B 1 8  ? 2.633   3.573   5.499   0.50 41.28 ? 20 B7C E "C1'" 1 
HETATM 488 C "C3'" A B7C B 1 8  ? 4.859   3.805   6.572   0.50 44.22 ? 20 B7C E "C3'" 1 
HETATM 489 C "C3'" B B7C B 1 8  ? 4.790   3.817   6.507   0.50 43.54 ? 20 B7C E "C3'" 1 
HETATM 490 O "O3'" A B7C B 1 8  ? 5.377   5.065   6.163   0.50 45.15 ? 20 B7C E "O3'" 1 
HETATM 491 O "O3'" B B7C B 1 8  ? 5.366   5.071   6.145   0.50 44.81 ? 20 B7C E "O3'" 1 
ATOM   492 P P     . DC  B 1 9  ? 5.011   6.374   7.007   1.00 45.88 ? 21 DC  E P     1 
ATOM   493 O OP1   . DC  B 1 9  ? 6.137   7.324   6.833   1.00 47.57 ? 21 DC  E OP1   1 
ATOM   494 O OP2   . DC  B 1 9  ? 4.611   5.950   8.372   1.00 46.78 ? 21 DC  E OP2   1 
ATOM   495 O "O5'" . DC  B 1 9  ? 3.719   6.926   6.270   1.00 47.62 ? 21 DC  E "O5'" 1 
ATOM   496 C "C5'" . DC  B 1 9  ? 3.755   7.196   4.873   1.00 47.40 ? 21 DC  E "C5'" 1 
ATOM   497 C "C4'" . DC  B 1 9  ? 2.744   8.259   4.547   1.00 47.50 ? 21 DC  E "C4'" 1 
ATOM   498 O "O4'" . DC  B 1 9  ? 1.430   7.670   4.439   1.00 46.87 ? 21 DC  E "O4'" 1 
ATOM   499 C "C3'" . DC  B 1 9  ? 2.654   9.293   5.659   1.00 48.42 ? 21 DC  E "C3'" 1 
ATOM   500 O "O3'" . DC  B 1 9  ? 2.396   10.569  5.099   1.00 50.47 ? 21 DC  E "O3'" 1 
ATOM   501 C "C2'" . DC  B 1 9  ? 1.479   8.807   6.492   1.00 47.72 ? 21 DC  E "C2'" 1 
ATOM   502 C "C1'" . DC  B 1 9  ? 0.568   8.216   5.427   1.00 46.18 ? 21 DC  E "C1'" 1 
ATOM   503 N N1    . DC  B 1 9  ? -0.317  7.131   5.871   1.00 44.50 ? 21 DC  E N1    1 
ATOM   504 C C2    . DC  B 1 9  ? -1.543  6.967   5.223   1.00 43.67 ? 21 DC  E C2    1 
ATOM   505 O O2    . DC  B 1 9  ? -1.872  7.788   4.351   1.00 44.97 ? 21 DC  E O2    1 
ATOM   506 N N3    . DC  B 1 9  ? -2.338  5.924   5.561   1.00 41.71 ? 21 DC  E N3    1 
ATOM   507 C C4    . DC  B 1 9  ? -1.945  5.079   6.512   1.00 40.95 ? 21 DC  E C4    1 
ATOM   508 N N4    . DC  B 1 9  ? -2.730  4.049   6.793   1.00 40.78 ? 21 DC  E N4    1 
ATOM   509 C C5    . DC  B 1 9  ? -0.719  5.247   7.217   1.00 41.87 ? 21 DC  E C5    1 
ATOM   510 C C6    . DC  B 1 9  ? 0.058   6.279   6.868   1.00 43.16 ? 21 DC  E C6    1 
ATOM   511 P P     . DG  B 1 10 ? 2.756   11.877  5.940   1.00 52.29 ? 22 DG  E P     1 
ATOM   512 O OP1   . DG  B 1 10 ? 3.964   12.462  5.312   1.00 54.98 ? 22 DG  E OP1   1 
ATOM   513 O OP2   . DG  B 1 10 ? 2.781   11.509  7.377   1.00 53.89 ? 22 DG  E OP2   1 
ATOM   514 O "O5'" . DG  B 1 10 ? 1.516   12.840  5.693   1.00 52.20 ? 22 DG  E "O5'" 1 
ATOM   515 C "C5'" . DG  B 1 10 ? 0.924   12.944  4.401   1.00 50.13 ? 22 DG  E "C5'" 1 
ATOM   516 C "C4'" . DG  B 1 10 ? -0.575  13.084  4.532   1.00 48.05 ? 22 DG  E "C4'" 1 
ATOM   517 O "O4'" . DG  B 1 10 ? -1.184  11.826  4.913   1.00 46.08 ? 22 DG  E "O4'" 1 
ATOM   518 C "C3'" . DG  B 1 10 ? -1.030  14.102  5.578   1.00 46.78 ? 22 DG  E "C3'" 1 
ATOM   519 O "O3'" . DG  B 1 10 ? -2.195  14.743  5.074   1.00 49.39 ? 22 DG  E "O3'" 1 
ATOM   520 C "C2'" . DG  B 1 10 ? -1.406  13.233  6.764   1.00 43.84 ? 22 DG  E "C2'" 1 
ATOM   521 C "C1'" . DG  B 1 10 ? -2.029  12.061  6.031   1.00 43.61 ? 22 DG  E "C1'" 1 
ATOM   522 N N9    . DG  B 1 10 ? -2.193  10.807  6.765   1.00 39.87 ? 22 DG  E N9    1 
ATOM   523 C C8    . DG  B 1 10 ? -1.345  10.249  7.694   1.00 38.84 ? 22 DG  E C8    1 
ATOM   524 N N7    . DG  B 1 10 ? -1.788  9.116   8.174   1.00 35.18 ? 22 DG  E N7    1 
ATOM   525 C C5    . DG  B 1 10 ? -2.999  8.916   7.524   1.00 33.71 ? 22 DG  E C5    1 
ATOM   526 C C6    . DG  B 1 10 ? -3.944  7.859   7.633   1.00 32.76 ? 22 DG  E C6    1 
ATOM   527 O O6    . DG  B 1 10 ? -3.919  6.874   8.371   1.00 30.54 ? 22 DG  E O6    1 
ATOM   528 N N1    . DG  B 1 10 ? -5.016  8.040   6.775   1.00 33.01 ? 22 DG  E N1    1 
ATOM   529 C C2    . DG  B 1 10 ? -5.181  9.104   5.937   1.00 33.73 ? 22 DG  E C2    1 
ATOM   530 N N2    . DG  B 1 10 ? -6.298  9.093   5.200   1.00 32.49 ? 22 DG  E N2    1 
ATOM   531 N N3    . DG  B 1 10 ? -4.318  10.104  5.830   1.00 34.72 ? 22 DG  E N3    1 
ATOM   532 C C4    . DG  B 1 10 ? -3.259  9.944   6.648   1.00 35.30 ? 22 DG  E C4    1 
ATOM   533 P P     . DC  B 1 11 ? -2.391  16.323  5.272   1.00 53.59 ? 23 DC  E P     1 
ATOM   534 O OP1   . DC  B 1 11 ? -1.245  17.019  4.630   1.00 54.32 ? 23 DC  E OP1   1 
ATOM   535 O OP2   . DC  B 1 11 ? -2.696  16.572  6.715   1.00 51.97 ? 23 DC  E OP2   1 
ATOM   536 O "O5'" . DC  B 1 11 ? -3.689  16.643  4.408   1.00 49.46 ? 23 DC  E "O5'" 1 
ATOM   537 C "C5'" . DC  B 1 11 ? -4.159  15.722  3.422   1.00 46.27 ? 23 DC  E "C5'" 1 
ATOM   538 C "C4'" . DC  B 1 11 ? -5.590  15.328  3.719   1.00 44.46 ? 23 DC  E "C4'" 1 
ATOM   539 O "O4'" . DC  B 1 11 ? -5.645  14.082  4.462   1.00 42.61 ? 23 DC  E "O4'" 1 
ATOM   540 C "C3'" . DC  B 1 11 ? -6.346  16.363  4.552   1.00 44.14 ? 23 DC  E "C3'" 1 
ATOM   541 O "O3'" . DC  B 1 11 ? -7.674  16.539  4.068   1.00 45.65 ? 23 DC  E "O3'" 1 
ATOM   542 C "C2'" . DC  B 1 11 ? -6.387  15.733  5.930   1.00 43.12 ? 23 DC  E "C2'" 1 
ATOM   543 C "C1'" . DC  B 1 11 ? -6.487  14.259  5.583   1.00 42.16 ? 23 DC  E "C1'" 1 
ATOM   544 N N1    . DC  B 1 11 ? -6.037  13.360  6.659   1.00 40.55 ? 23 DC  E N1    1 
ATOM   545 C C2    . DC  B 1 11 ? -6.773  12.187  6.929   1.00 39.92 ? 23 DC  E C2    1 
ATOM   546 O O2    . DC  B 1 11 ? -7.743  11.889  6.195   1.00 39.05 ? 23 DC  E O2    1 
ATOM   547 N N3    . DC  B 1 11 ? -6.405  11.413  7.976   1.00 37.18 ? 23 DC  E N3    1 
ATOM   548 C C4    . DC  B 1 11 ? -5.348  11.752  8.715   1.00 37.09 ? 23 DC  E C4    1 
ATOM   549 N N4    . DC  B 1 11 ? -5.037  10.981  9.751   1.00 37.84 ? 23 DC  E N4    1 
ATOM   550 C C5    . DC  B 1 11 ? -4.565  12.903  8.431   1.00 37.30 ? 23 DC  E C5    1 
ATOM   551 C C6    . DC  B 1 11 ? -4.939  13.670  7.408   1.00 38.50 ? 23 DC  E C6    1 
ATOM   552 P P     . DG  B 1 12 ? -8.495  17.871  4.461   1.00 48.55 ? 24 DG  E P     1 
ATOM   553 O OP1   . DG  B 1 12 ? -8.935  18.457  3.165   1.00 48.93 ? 24 DG  E OP1   1 
ATOM   554 O OP2   . DG  B 1 12 ? -7.727  18.706  5.421   1.00 46.95 ? 24 DG  E OP2   1 
ATOM   555 O "O5'" . DG  B 1 12 ? -9.785  17.325  5.228   1.00 46.11 ? 24 DG  E "O5'" 1 
ATOM   556 C "C5'" . DG  B 1 12 ? -10.868 16.760  4.501   1.00 42.54 ? 24 DG  E "C5'" 1 
ATOM   557 C "C4'" . DG  B 1 12 ? -11.724 15.906  5.400   1.00 39.82 ? 24 DG  E "C4'" 1 
ATOM   558 O "O4'" . DG  B 1 12 ? -10.868 14.895  5.964   1.00 39.14 ? 24 DG  E "O4'" 1 
ATOM   559 C "C3'" . DG  B 1 12 ? -12.368 16.625  6.584   1.00 39.75 ? 24 DG  E "C3'" 1 
ATOM   560 O "O3'" . DG  B 1 12 ? -13.699 17.179  6.470   1.00 41.52 ? 24 DG  E "O3'" 1 
ATOM   561 C "C2'" . DG  B 1 12 ? -12.048 15.768  7.795   1.00 39.51 ? 24 DG  E "C2'" 1 
ATOM   562 C "C1'" . DG  B 1 12 ? -11.306 14.551  7.263   1.00 37.22 ? 24 DG  E "C1'" 1 
ATOM   563 N N9    . DG  B 1 12 ? -10.113 14.313  8.062   1.00 33.43 ? 24 DG  E N9    1 
ATOM   564 C C8    . DG  B 1 12 ? -9.017  15.125  8.111   1.00 33.59 ? 24 DG  E C8    1 
ATOM   565 N N7    . DG  B 1 12 ? -8.119  14.726  8.965   1.00 34.73 ? 24 DG  E N7    1 
ATOM   566 C C5    . DG  B 1 12 ? -8.651  13.562  9.496   1.00 33.07 ? 24 DG  E C5    1 
ATOM   567 C C6    . DG  B 1 12 ? -8.122  12.684  10.464  1.00 33.77 ? 24 DG  E C6    1 
ATOM   568 O O6    . DG  B 1 12 ? -7.033  12.755  11.058  1.00 35.27 ? 24 DG  E O6    1 
ATOM   569 N N1    . DG  B 1 12 ? -8.984  11.627  10.716  1.00 30.62 ? 24 DG  E N1    1 
ATOM   570 C C2    . DG  B 1 12 ? -10.181 11.432  10.098  1.00 28.99 ? 24 DG  E C2    1 
ATOM   571 N N2    . DG  B 1 12 ? -10.856 10.344  10.474  1.00 28.32 ? 24 DG  E N2    1 
ATOM   572 N N3    . DG  B 1 12 ? -10.683 12.241  9.183   1.00 29.54 ? 24 DG  E N3    1 
ATOM   573 C C4    . DG  B 1 12 ? -9.871  13.283  8.937   1.00 31.32 ? 24 DG  E C4    1 
HETATM 574 O O1    . HT  C 2 .  ? -0.172  11.624  0.801   1.00 95.49 ? 25 HT  E O1    1 
HETATM 575 C C1    . HT  C 2 .  ? 0.668   10.559  0.923   1.00 93.88 ? 25 HT  E C1    1 
HETATM 576 C C4    . HT  C 2 .  ? 2.381   8.333   1.184   1.00 89.52 ? 25 HT  E C4    1 
HETATM 577 C C2    . HT  C 2 .  ? 2.079   10.752  0.941   1.00 93.00 ? 25 HT  E C2    1 
HETATM 578 C C3    . HT  C 2 .  ? 2.939   9.643   1.072   1.00 91.01 ? 25 HT  E C3    1 
HETATM 579 C C6    . HT  C 2 .  ? 0.128   9.257   1.034   1.00 92.95 ? 25 HT  E C6    1 
HETATM 580 C C5    . HT  C 2 .  ? 0.973   8.155   1.164   1.00 90.96 ? 25 HT  E C5    1 
HETATM 581 C C7    . HT  C 2 .  ? 3.241   7.152   1.346   1.00 87.13 ? 25 HT  E C7    1 
HETATM 582 N N1    . HT  C 2 .  ? 2.770   5.869   1.471   1.00 85.41 ? 25 HT  E N1    1 
HETATM 583 C C8    . HT  C 2 .  ? 3.857   5.052   1.637   1.00 83.42 ? 25 HT  E C8    1 
HETATM 584 C C9    . HT  C 2 .  ? 5.003   5.910   1.596   1.00 83.67 ? 25 HT  E C9    1 
HETATM 585 N N2    . HT  C 2 .  ? 4.552   7.164   1.420   1.00 85.56 ? 25 HT  E N2    1 
HETATM 586 C C10   . HT  C 2 .  ? 6.301   5.359   1.752   1.00 82.05 ? 25 HT  E C10   1 
HETATM 587 C C11   . HT  C 2 .  ? 6.450   3.997   1.934   1.00 81.05 ? 25 HT  E C11   1 
HETATM 588 C C12   . HT  C 2 .  ? 5.311   3.136   1.973   1.00 79.91 ? 25 HT  E C12   1 
HETATM 589 C C13   . HT  C 2 .  ? 4.012   3.672   1.816   1.00 81.60 ? 25 HT  E C13   1 
HETATM 590 C C14   . HT  C 2 .  ? 5.507   1.699   2.191   1.00 77.99 ? 25 HT  E C14   1 
HETATM 591 N N3    . HT  C 2 .  ? 4.573   0.724   2.001   1.00 77.07 ? 25 HT  E N3    1 
HETATM 592 C C15   . HT  C 2 .  ? 5.171   -0.470  2.340   1.00 78.37 ? 25 HT  E C15   1 
HETATM 593 C C16   . HT  C 2 .  ? 6.496   -0.149  2.738   1.00 78.48 ? 25 HT  E C16   1 
HETATM 594 N N4    . HT  C 2 .  ? 6.623   1.177   2.622   1.00 77.36 ? 25 HT  E N4    1 
HETATM 595 C C17   . HT  C 2 .  ? 7.386   -1.179  3.161   1.00 79.39 ? 25 HT  E C17   1 
HETATM 596 C C18   . HT  C 2 .  ? 6.961   -2.505  3.183   1.00 80.53 ? 25 HT  E C18   1 
HETATM 597 C C19   . HT  C 2 .  ? 5.622   -2.852  2.782   1.00 81.01 ? 25 HT  E C19   1 
HETATM 598 C C20   . HT  C 2 .  ? 4.742   -1.808  2.359   1.00 79.65 ? 25 HT  E C20   1 
HETATM 599 N N5    . HT  C 2 .  ? 5.135   -4.214  2.792   1.00 82.05 ? 25 HT  E N5    1 
HETATM 600 C C21   . HT  C 2 .  ? 6.190   -5.185  3.260   1.00 82.07 ? 25 HT  E C21   1 
HETATM 601 C C22   . HT  C 2 .  ? 5.623   -6.624  3.243   1.00 82.51 ? 25 HT  E C22   1 
HETATM 602 N N6    . HT  C 2 .  ? 5.218   -6.965  1.850   1.00 82.87 ? 25 HT  E N6    1 
HETATM 603 C C23   . HT  C 2 .  ? 4.148   -6.030  1.419   1.00 82.49 ? 25 HT  E C23   1 
HETATM 604 C C24   . HT  C 2 .  ? 4.687   -4.587  1.421   1.00 81.73 ? 25 HT  E C24   1 
HETATM 605 C C25   . HT  C 2 .  ? 4.672   -8.323  1.841   1.00 83.06 ? 25 HT  E C25   1 
HETATM 606 O O     . HOH D 3 .  ? -9.141  1.875   11.767  1.00 38.75 ? 13 HOH D O     1 
HETATM 607 O O     . HOH D 3 .  ? 6.724   -13.407 1.937   1.00 44.88 ? 14 HOH D O     1 
HETATM 608 O O     . HOH D 3 .  ? 1.314   4.702   -8.102  1.00 23.99 ? 15 HOH D O     1 
HETATM 609 O O     . HOH D 3 .  ? 9.030   -8.100  2.365   1.00 36.19 ? 16 HOH D O     1 
HETATM 610 O O     . HOH D 3 .  ? -16.007 4.727   1.762   1.00 39.97 ? 17 HOH D O     1 
HETATM 611 O O     . HOH D 3 .  ? 3.970   4.387   -6.214  1.00 14.89 ? 18 HOH D O     1 
HETATM 612 O O     . HOH D 3 .  ? 7.337   -1.795  -7.165  1.00 35.02 ? 19 HOH D O     1 
HETATM 613 O O     . HOH D 3 .  ? 9.605   -0.717  -5.499  1.00 43.97 ? 20 HOH D O     1 
HETATM 614 O O     . HOH D 3 .  ? 11.262  -7.310  4.543   1.00 27.21 ? 21 HOH D O     1 
HETATM 615 O O     . HOH D 3 .  ? -5.515  0.194   2.171   1.00 45.93 ? 22 HOH D O     1 
HETATM 616 O O     . HOH D 3 .  ? -4.923  7.382   11.887  1.00 27.45 ? 23 HOH D O     1 
HETATM 617 O O     . HOH D 3 .  ? 11.256  -3.002  -4.176  1.00 45.56 ? 24 HOH D O     1 
HETATM 618 O O     . HOH D 3 .  ? -2.422  -0.651  -5.496  1.00 58.35 ? 27 HOH D O     1 
HETATM 619 O O     . HOH D 3 .  ? 12.029  5.130   -3.613  1.00 51.74 ? 28 HOH D O     1 
HETATM 620 O O     . HOH D 3 .  ? 11.545  8.444   -2.805  1.00 45.98 ? 30 HOH D O     1 
HETATM 621 O O     . HOH E 3 .  ? -4.835  -4.129  -12.575 1.00 62.67 ? 3  HOH E O     1 
HETATM 622 O O     . HOH E 3 .  ? -3.520  1.129   10.457  1.00 39.14 ? 5  HOH E O     1 
HETATM 623 O O     . HOH E 3 .  ? -3.719  -2.113  -1.424  1.00 27.36 ? 9  HOH E O     1 
HETATM 624 O O     . HOH E 3 .  ? -4.347  -2.680  -9.384  1.00 54.00 ? 12 HOH E O     1 
HETATM 625 O O     . HOH E 3 .  ? 0.585   -3.610  -12.191 1.00 29.77 ? 26 HOH E O     1 
HETATM 626 O O     . HOH E 3 .  ? -2.870  10.308  0.369   1.00 67.87 ? 27 HOH E O     1 
HETATM 627 O O     . HOH E 3 .  ? 1.919   -1.761  -9.695  1.00 53.24 ? 28 HOH E O     1 
HETATM 628 O O     . HOH E 3 .  ? 2.144   1.247   9.870   1.00 52.55 ? 29 HOH E O     1 
HETATM 629 O O     . HOH E 3 .  ? 3.865   -2.653  10.812  1.00 33.52 ? 30 HOH E O     1 
HETATM 630 O O     . HOH E 3 .  ? -6.192  -4.196  -7.374  1.00 43.81 ? 31 HOH E O     1 
HETATM 631 O O     . HOH E 3 .  ? -7.882  16.124  1.424   1.00 62.42 ? 32 HOH E O     1 
HETATM 632 O O     . HOH E 3 .  ? 8.023   -2.501  7.489   1.00 46.40 ? 33 HOH E O     1 
HETATM 633 O O     . HOH E 3 .  ? -3.109  14.806  0.364   1.00 71.72 ? 34 HOH E O     1 
HETATM 634 O O     . HOH E 3 .  ? -6.627  -6.113  -5.165  1.00 63.75 ? 35 HOH E O     1 
HETATM 635 O O     . HOH E 3 .  ? -4.799  -11.735 4.433   1.00 57.60 ? 36 HOH E O     1 
# 
loop_
_pdbx_poly_seq_scheme.asym_id 
_pdbx_poly_seq_scheme.entity_id 
_pdbx_poly_seq_scheme.seq_id 
_pdbx_poly_seq_scheme.mon_id 
_pdbx_poly_seq_scheme.ndb_seq_num 
_pdbx_poly_seq_scheme.pdb_seq_num 
_pdbx_poly_seq_scheme.auth_seq_num 
_pdbx_poly_seq_scheme.pdb_mon_id 
_pdbx_poly_seq_scheme.auth_mon_id 
_pdbx_poly_seq_scheme.pdb_strand_id 
_pdbx_poly_seq_scheme.pdb_ins_code 
_pdbx_poly_seq_scheme.hetero 
A 1 1  DC  1  1  1  DC  CYT D . n 
A 1 2  DG  2  2  2  DG  GUA D . n 
A 1 3  DC  3  3  3  DC  CYT D . n 
A 1 4  DG  4  4  4  DG  GUA D . n 
A 1 5  DA  5  5  5  DA  ADX D . n 
A 1 6  DA  6  6  6  DA  ADE D . n 
A 1 7  DT  7  7  7  DT  THY D . n 
A 1 8  B7C 8  8  8  B7C BIC D . n 
A 1 9  DC  9  9  9  DC  CYT D . n 
A 1 10 DG  10 10 10 DG  GUA D . n 
A 1 11 DC  11 11 11 DC  CYT D . n 
A 1 12 DG  12 12 12 DG  GUA D . n 
B 1 1  DC  1  13 13 DC  CYT E . n 
B 1 2  DG  2  14 14 DG  GUA E . n 
B 1 3  DC  3  15 15 DC  CYT E . n 
B 1 4  DG  4  16 16 DG  GUA E . n 
B 1 5  DA  5  17 17 DA  ADX E . n 
B 1 6  DA  6  18 18 DA  ADE E . n 
B 1 7  DT  7  19 19 DT  THY E . n 
B 1 8  B7C 8  20 20 B7C BIC E . n 
B 1 9  DC  9  21 21 DC  CYT E . n 
B 1 10 DG  10 22 22 DG  GUA E . n 
B 1 11 DC  11 23 23 DC  CYT E . n 
B 1 12 DG  12 24 24 DG  GUA E . n 
# 
loop_
_pdbx_nonpoly_scheme.asym_id 
_pdbx_nonpoly_scheme.entity_id 
_pdbx_nonpoly_scheme.mon_id 
_pdbx_nonpoly_scheme.ndb_seq_num 
_pdbx_nonpoly_scheme.pdb_seq_num 
_pdbx_nonpoly_scheme.auth_seq_num 
_pdbx_nonpoly_scheme.pdb_mon_id 
_pdbx_nonpoly_scheme.auth_mon_id 
_pdbx_nonpoly_scheme.pdb_strand_id 
_pdbx_nonpoly_scheme.pdb_ins_code 
C 2 HT  1  25 25 HT  HT  E . 
D 3 HOH 1  13 1  HOH TIP D . 
D 3 HOH 2  14 4  HOH TIP D . 
D 3 HOH 3  15 6  HOH TIP D . 
D 3 HOH 4  16 7  HOH TIP D . 
D 3 HOH 5  17 17 HOH TIP D . 
D 3 HOH 6  18 8  HOH TIP D . 
D 3 HOH 7  19 19 HOH TIP D . 
D 3 HOH 8  20 10 HOH TIP D . 
D 3 HOH 9  21 21 HOH TIP D . 
D 3 HOH 10 22 11 HOH TIP D . 
D 3 HOH 11 23 2  HOH TIP D . 
D 3 HOH 12 24 24 HOH TIP D . 
D 3 HOH 13 27 27 HOH TIP D . 
D 3 HOH 14 28 28 HOH TIP D . 
D 3 HOH 15 30 30 HOH TIP D . 
E 3 HOH 1  3  3  HOH TIP E . 
E 3 HOH 2  5  5  HOH TIP E . 
E 3 HOH 3  9  9  HOH TIP E . 
E 3 HOH 4  12 12 HOH TIP E . 
E 3 HOH 5  26 26 HOH TIP E . 
E 3 HOH 6  27 13 HOH TIP E . 
E 3 HOH 7  28 14 HOH TIP E . 
E 3 HOH 8  29 29 HOH TIP E . 
E 3 HOH 9  30 15 HOH TIP E . 
E 3 HOH 10 31 16 HOH TIP E . 
E 3 HOH 11 32 18 HOH TIP E . 
E 3 HOH 12 33 20 HOH TIP E . 
E 3 HOH 13 34 22 HOH TIP E . 
E 3 HOH 14 35 25 HOH TIP E . 
E 3 HOH 15 36 23 HOH TIP E . 
# 
loop_
_pdbx_struct_mod_residue.id 
_pdbx_struct_mod_residue.label_asym_id 
_pdbx_struct_mod_residue.label_comp_id 
_pdbx_struct_mod_residue.label_seq_id 
_pdbx_struct_mod_residue.auth_asym_id 
_pdbx_struct_mod_residue.auth_comp_id 
_pdbx_struct_mod_residue.auth_seq_id 
_pdbx_struct_mod_residue.PDB_ins_code 
_pdbx_struct_mod_residue.parent_comp_id 
_pdbx_struct_mod_residue.details 
1 A B7C 8 D B7C 8  ? DC ? 
2 B B7C 8 E B7C 20 ? DC ? 
# 
_struct_site_keywords.site_id   1 
_struct_site_keywords.text      'MAJOR GROOVE BINDER' 
# 
_pdbx_struct_assembly.id                   1 
_pdbx_struct_assembly.details              author_and_software_defined_assembly 
_pdbx_struct_assembly.method_details       PISA 
_pdbx_struct_assembly.oligomeric_details   dimeric 
_pdbx_struct_assembly.oligomeric_count     2 
# 
_pdbx_struct_assembly_gen.assembly_id       1 
_pdbx_struct_assembly_gen.oper_expression   1 
_pdbx_struct_assembly_gen.asym_id_list      A,B,C,D,E 
# 
loop_
_pdbx_struct_assembly_prop.biol_id 
_pdbx_struct_assembly_prop.type 
_pdbx_struct_assembly_prop.value 
_pdbx_struct_assembly_prop.details 
1 'ABSA (A^2)' 1130 ? 
1 MORE         -2   ? 
1 'SSA (A^2)'  4510 ? 
# 
_pdbx_struct_oper_list.id                   1 
_pdbx_struct_oper_list.type                 'identity operation' 
_pdbx_struct_oper_list.name                 1_555 
_pdbx_struct_oper_list.symmetry_operation   x,y,z 
_pdbx_struct_oper_list.matrix[1][1]         1.0000000000 
_pdbx_struct_oper_list.matrix[1][2]         0.0000000000 
_pdbx_struct_oper_list.matrix[1][3]         0.0000000000 
_pdbx_struct_oper_list.vector[1]            0.0000000000 
_pdbx_struct_oper_list.matrix[2][1]         0.0000000000 
_pdbx_struct_oper_list.matrix[2][2]         1.0000000000 
_pdbx_struct_oper_list.matrix[2][3]         0.0000000000 
_pdbx_struct_oper_list.vector[2]            0.0000000000 
_pdbx_struct_oper_list.matrix[3][1]         0.0000000000 
_pdbx_struct_oper_list.matrix[3][2]         0.0000000000 
_pdbx_struct_oper_list.matrix[3][3]         1.0000000000 
_pdbx_struct_oper_list.vector[3]            0.0000000000 
# 
loop_
_pdbx_audit_revision_history.ordinal 
_pdbx_audit_revision_history.data_content_type 
_pdbx_audit_revision_history.major_revision 
_pdbx_audit_revision_history.minor_revision 
_pdbx_audit_revision_history.revision_date 
1 'Structure model' 1 0 2010-08-11 
2 'Structure model' 1 1 2011-07-13 
3 'Structure model' 1 2 2023-11-01 
# 
_pdbx_audit_revision_details.ordinal             1 
_pdbx_audit_revision_details.revision_ordinal    1 
_pdbx_audit_revision_details.data_content_type   'Structure model' 
_pdbx_audit_revision_details.provider            repository 
_pdbx_audit_revision_details.type                'Initial release' 
_pdbx_audit_revision_details.description         ? 
_pdbx_audit_revision_details.details             ? 
# 
loop_
_pdbx_audit_revision_group.ordinal 
_pdbx_audit_revision_group.revision_ordinal 
_pdbx_audit_revision_group.data_content_type 
_pdbx_audit_revision_group.group 
1 2 'Structure model' 'Version format compliance' 
2 3 'Structure model' 'Data collection'           
3 3 'Structure model' 'Database references'       
4 3 'Structure model' 'Derived calculations'      
5 3 'Structure model' 'Refinement description'    
# 
loop_
_pdbx_audit_revision_category.ordinal 
_pdbx_audit_revision_category.revision_ordinal 
_pdbx_audit_revision_category.data_content_type 
_pdbx_audit_revision_category.category 
1 3 'Structure model' chem_comp_atom                
2 3 'Structure model' chem_comp_bond                
3 3 'Structure model' database_2                    
4 3 'Structure model' pdbx_initial_refinement_model 
5 3 'Structure model' struct_conn                   
6 3 'Structure model' struct_ref_seq                
7 3 'Structure model' struct_site                   
# 
loop_
_pdbx_audit_revision_item.ordinal 
_pdbx_audit_revision_item.revision_ordinal 
_pdbx_audit_revision_item.data_content_type 
_pdbx_audit_revision_item.item 
1 3 'Structure model' '_database_2.pdbx_DOI'                
2 3 'Structure model' '_database_2.pdbx_database_accession' 
3 3 'Structure model' '_struct_conn.pdbx_leaving_atom_flag' 
4 3 'Structure model' '_struct_ref_seq.db_align_beg'        
5 3 'Structure model' '_struct_ref_seq.db_align_end'        
6 3 'Structure model' '_struct_site.pdbx_auth_asym_id'      
7 3 'Structure model' '_struct_site.pdbx_auth_comp_id'      
8 3 'Structure model' '_struct_site.pdbx_auth_seq_id'       
# 
loop_
_software.name 
_software.classification 
_software.version 
_software.citation_id 
_software.pdbx_ordinal 
CNS      refinement        1.2 ? 1 
HKL-2000 'data collection' .   ? 2 
HKL-2000 'data reduction'  .   ? 3 
HKL-2000 'data scaling'    .   ? 4 
AMoRE    phasing           .   ? 5 
# 
loop_
_chem_comp_atom.comp_id 
_chem_comp_atom.atom_id 
_chem_comp_atom.type_symbol 
_chem_comp_atom.pdbx_aromatic_flag 
_chem_comp_atom.pdbx_stereo_config 
_chem_comp_atom.pdbx_ordinal 
B7C OP3    O N N 1   
B7C P      P N N 2   
B7C OP1    O N N 3   
B7C OP2    O N N 4   
B7C "O5'"  O N N 5   
B7C N1     N N N 6   
B7C C6     C N N 7   
B7C C2     C N N 8   
B7C O2     O N N 9   
B7C N3     N N N 10  
B7C C4     C N N 11  
B7C N4     N N N 12  
B7C C5     C N N 13  
B7C C7     C N N 14  
B7C C8     C N N 15  
B7C C9     C N N 16  
B7C "C2'"  C N N 17  
B7C "C5'"  C N N 18  
B7C "C4'"  C N R 19  
B7C "O4'"  O N N 20  
B7C "C1'"  C N R 21  
B7C "C3'"  C N S 22  
B7C "O3'"  O N N 23  
B7C HOP3   H N N 24  
B7C HOP1   H N N 25  
B7C H6     H N N 26  
B7C HN4    H N N 27  
B7C H7     H N N 28  
B7C H8     H N N 29  
B7C H9     H N N 30  
B7C H9A    H N N 31  
B7C "H2'"  H N N 32  
B7C "H2'A" H N N 33  
B7C "H5'"  H N N 34  
B7C "H5'A" H N N 35  
B7C "H4'"  H N N 36  
B7C "H1'"  H N N 37  
B7C "H3'"  H N N 38  
B7C "HO3'" H N N 39  
DA  OP3    O N N 40  
DA  P      P N N 41  
DA  OP1    O N N 42  
DA  OP2    O N N 43  
DA  "O5'"  O N N 44  
DA  "C5'"  C N N 45  
DA  "C4'"  C N R 46  
DA  "O4'"  O N N 47  
DA  "C3'"  C N S 48  
DA  "O3'"  O N N 49  
DA  "C2'"  C N N 50  
DA  "C1'"  C N R 51  
DA  N9     N Y N 52  
DA  C8     C Y N 53  
DA  N7     N Y N 54  
DA  C5     C Y N 55  
DA  C6     C Y N 56  
DA  N6     N N N 57  
DA  N1     N Y N 58  
DA  C2     C Y N 59  
DA  N3     N Y N 60  
DA  C4     C Y N 61  
DA  HOP3   H N N 62  
DA  HOP2   H N N 63  
DA  "H5'"  H N N 64  
DA  "H5''" H N N 65  
DA  "H4'"  H N N 66  
DA  "H3'"  H N N 67  
DA  "HO3'" H N N 68  
DA  "H2'"  H N N 69  
DA  "H2''" H N N 70  
DA  "H1'"  H N N 71  
DA  H8     H N N 72  
DA  H61    H N N 73  
DA  H62    H N N 74  
DA  H2     H N N 75  
DC  OP3    O N N 76  
DC  P      P N N 77  
DC  OP1    O N N 78  
DC  OP2    O N N 79  
DC  "O5'"  O N N 80  
DC  "C5'"  C N N 81  
DC  "C4'"  C N R 82  
DC  "O4'"  O N N 83  
DC  "C3'"  C N S 84  
DC  "O3'"  O N N 85  
DC  "C2'"  C N N 86  
DC  "C1'"  C N R 87  
DC  N1     N N N 88  
DC  C2     C N N 89  
DC  O2     O N N 90  
DC  N3     N N N 91  
DC  C4     C N N 92  
DC  N4     N N N 93  
DC  C5     C N N 94  
DC  C6     C N N 95  
DC  HOP3   H N N 96  
DC  HOP2   H N N 97  
DC  "H5'"  H N N 98  
DC  "H5''" H N N 99  
DC  "H4'"  H N N 100 
DC  "H3'"  H N N 101 
DC  "HO3'" H N N 102 
DC  "H2'"  H N N 103 
DC  "H2''" H N N 104 
DC  "H1'"  H N N 105 
DC  H41    H N N 106 
DC  H42    H N N 107 
DC  H5     H N N 108 
DC  H6     H N N 109 
DG  OP3    O N N 110 
DG  P      P N N 111 
DG  OP1    O N N 112 
DG  OP2    O N N 113 
DG  "O5'"  O N N 114 
DG  "C5'"  C N N 115 
DG  "C4'"  C N R 116 
DG  "O4'"  O N N 117 
DG  "C3'"  C N S 118 
DG  "O3'"  O N N 119 
DG  "C2'"  C N N 120 
DG  "C1'"  C N R 121 
DG  N9     N Y N 122 
DG  C8     C Y N 123 
DG  N7     N Y N 124 
DG  C5     C Y N 125 
DG  C6     C N N 126 
DG  O6     O N N 127 
DG  N1     N N N 128 
DG  C2     C N N 129 
DG  N2     N N N 130 
DG  N3     N N N 131 
DG  C4     C Y N 132 
DG  HOP3   H N N 133 
DG  HOP2   H N N 134 
DG  "H5'"  H N N 135 
DG  "H5''" H N N 136 
DG  "H4'"  H N N 137 
DG  "H3'"  H N N 138 
DG  "HO3'" H N N 139 
DG  "H2'"  H N N 140 
DG  "H2''" H N N 141 
DG  "H1'"  H N N 142 
DG  H8     H N N 143 
DG  H1     H N N 144 
DG  H21    H N N 145 
DG  H22    H N N 146 
DT  OP3    O N N 147 
DT  P      P N N 148 
DT  OP1    O N N 149 
DT  OP2    O N N 150 
DT  "O5'"  O N N 151 
DT  "C5'"  C N N 152 
DT  "C4'"  C N R 153 
DT  "O4'"  O N N 154 
DT  "C3'"  C N S 155 
DT  "O3'"  O N N 156 
DT  "C2'"  C N N 157 
DT  "C1'"  C N R 158 
DT  N1     N N N 159 
DT  C2     C N N 160 
DT  O2     O N N 161 
DT  N3     N N N 162 
DT  C4     C N N 163 
DT  O4     O N N 164 
DT  C5     C N N 165 
DT  C7     C N N 166 
DT  C6     C N N 167 
DT  HOP3   H N N 168 
DT  HOP2   H N N 169 
DT  "H5'"  H N N 170 
DT  "H5''" H N N 171 
DT  "H4'"  H N N 172 
DT  "H3'"  H N N 173 
DT  "HO3'" H N N 174 
DT  "H2'"  H N N 175 
DT  "H2''" H N N 176 
DT  "H1'"  H N N 177 
DT  H3     H N N 178 
DT  H71    H N N 179 
DT  H72    H N N 180 
DT  H73    H N N 181 
DT  H6     H N N 182 
HOH O      O N N 183 
HOH H1     H N N 184 
HOH H2     H N N 185 
HT  O1     O N N 186 
HT  C1     C Y N 187 
HT  C4     C Y N 188 
HT  C2     C Y N 189 
HT  C3     C Y N 190 
HT  C6     C Y N 191 
HT  C5     C Y N 192 
HT  C7     C Y N 193 
HT  N1     N Y N 194 
HT  C8     C Y N 195 
HT  C9     C Y N 196 
HT  N2     N Y N 197 
HT  C10    C Y N 198 
HT  C11    C Y N 199 
HT  C12    C Y N 200 
HT  C13    C Y N 201 
HT  C14    C Y N 202 
HT  N3     N Y N 203 
HT  C15    C Y N 204 
HT  C16    C Y N 205 
HT  N4     N Y N 206 
HT  C17    C Y N 207 
HT  C18    C Y N 208 
HT  C19    C Y N 209 
HT  C20    C Y N 210 
HT  N5     N N N 211 
HT  C21    C N N 212 
HT  C22    C N N 213 
HT  N6     N N N 214 
HT  C23    C N N 215 
HT  C24    C N N 216 
HT  C25    C N N 217 
HT  HO1    H N N 218 
HT  H2     H N N 219 
HT  H3     H N N 220 
HT  H5     H N N 221 
HT  H6     H N N 222 
HT  HN1    H N N 223 
HT  H10    H N N 224 
HT  H11    H N N 225 
HT  H13    H N N 226 
HT  HN3    H N N 227 
HT  H17    H N N 228 
HT  H18    H N N 229 
HT  H20    H N N 230 
HT  H211   H N N 231 
HT  H212   H N N 232 
HT  H221   H N N 233 
HT  H222   H N N 234 
HT  H231   H N N 235 
HT  H232   H N N 236 
HT  H241   H N N 237 
HT  H242   H N N 238 
HT  H253   H N N 239 
HT  H252   H N N 240 
HT  H251   H N N 241 
# 
loop_
_chem_comp_bond.comp_id 
_chem_comp_bond.atom_id_1 
_chem_comp_bond.atom_id_2 
_chem_comp_bond.value_order 
_chem_comp_bond.pdbx_aromatic_flag 
_chem_comp_bond.pdbx_stereo_config 
_chem_comp_bond.pdbx_ordinal 
B7C OP3   P      sing N N 1   
B7C P     OP1    sing N N 2   
B7C P     OP2    doub N N 3   
B7C P     "O5'"  sing N N 4   
B7C "O5'" "C5'"  sing N N 5   
B7C N1    C6     sing N N 6   
B7C N1    C2     sing N N 7   
B7C N1    "C1'"  sing N N 8   
B7C C6    C5     doub N N 9   
B7C C2    O2     doub N N 10  
B7C C2    N3     sing N N 11  
B7C N3    C4     doub N N 12  
B7C C4    N4     sing N N 13  
B7C C4    C5     sing N N 14  
B7C N4    C9     sing N N 15  
B7C C5    C7     sing N N 16  
B7C C7    C8     doub N N 17  
B7C C8    C9     sing N N 18  
B7C "C2'" "C1'"  sing N N 19  
B7C "C2'" "C3'"  sing N N 20  
B7C "C5'" "C4'"  sing N N 21  
B7C "C4'" "O4'"  sing N N 22  
B7C "C4'" "C3'"  sing N N 23  
B7C "O4'" "C1'"  sing N N 24  
B7C "C3'" "O3'"  sing N N 25  
B7C OP3   HOP3   sing N N 26  
B7C OP1   HOP1   sing N N 27  
B7C C6    H6     sing N N 28  
B7C N4    HN4    sing N N 29  
B7C C7    H7     sing N N 30  
B7C C8    H8     sing N N 31  
B7C C9    H9     sing N N 32  
B7C C9    H9A    sing N N 33  
B7C "C2'" "H2'"  sing N N 34  
B7C "C2'" "H2'A" sing N N 35  
B7C "C5'" "H5'"  sing N N 36  
B7C "C5'" "H5'A" sing N N 37  
B7C "C4'" "H4'"  sing N N 38  
B7C "C1'" "H1'"  sing N N 39  
B7C "C3'" "H3'"  sing N N 40  
B7C "O3'" "HO3'" sing N N 41  
DA  OP3   P      sing N N 42  
DA  OP3   HOP3   sing N N 43  
DA  P     OP1    doub N N 44  
DA  P     OP2    sing N N 45  
DA  P     "O5'"  sing N N 46  
DA  OP2   HOP2   sing N N 47  
DA  "O5'" "C5'"  sing N N 48  
DA  "C5'" "C4'"  sing N N 49  
DA  "C5'" "H5'"  sing N N 50  
DA  "C5'" "H5''" sing N N 51  
DA  "C4'" "O4'"  sing N N 52  
DA  "C4'" "C3'"  sing N N 53  
DA  "C4'" "H4'"  sing N N 54  
DA  "O4'" "C1'"  sing N N 55  
DA  "C3'" "O3'"  sing N N 56  
DA  "C3'" "C2'"  sing N N 57  
DA  "C3'" "H3'"  sing N N 58  
DA  "O3'" "HO3'" sing N N 59  
DA  "C2'" "C1'"  sing N N 60  
DA  "C2'" "H2'"  sing N N 61  
DA  "C2'" "H2''" sing N N 62  
DA  "C1'" N9     sing N N 63  
DA  "C1'" "H1'"  sing N N 64  
DA  N9    C8     sing Y N 65  
DA  N9    C4     sing Y N 66  
DA  C8    N7     doub Y N 67  
DA  C8    H8     sing N N 68  
DA  N7    C5     sing Y N 69  
DA  C5    C6     sing Y N 70  
DA  C5    C4     doub Y N 71  
DA  C6    N6     sing N N 72  
DA  C6    N1     doub Y N 73  
DA  N6    H61    sing N N 74  
DA  N6    H62    sing N N 75  
DA  N1    C2     sing Y N 76  
DA  C2    N3     doub Y N 77  
DA  C2    H2     sing N N 78  
DA  N3    C4     sing Y N 79  
DC  OP3   P      sing N N 80  
DC  OP3   HOP3   sing N N 81  
DC  P     OP1    doub N N 82  
DC  P     OP2    sing N N 83  
DC  P     "O5'"  sing N N 84  
DC  OP2   HOP2   sing N N 85  
DC  "O5'" "C5'"  sing N N 86  
DC  "C5'" "C4'"  sing N N 87  
DC  "C5'" "H5'"  sing N N 88  
DC  "C5'" "H5''" sing N N 89  
DC  "C4'" "O4'"  sing N N 90  
DC  "C4'" "C3'"  sing N N 91  
DC  "C4'" "H4'"  sing N N 92  
DC  "O4'" "C1'"  sing N N 93  
DC  "C3'" "O3'"  sing N N 94  
DC  "C3'" "C2'"  sing N N 95  
DC  "C3'" "H3'"  sing N N 96  
DC  "O3'" "HO3'" sing N N 97  
DC  "C2'" "C1'"  sing N N 98  
DC  "C2'" "H2'"  sing N N 99  
DC  "C2'" "H2''" sing N N 100 
DC  "C1'" N1     sing N N 101 
DC  "C1'" "H1'"  sing N N 102 
DC  N1    C2     sing N N 103 
DC  N1    C6     sing N N 104 
DC  C2    O2     doub N N 105 
DC  C2    N3     sing N N 106 
DC  N3    C4     doub N N 107 
DC  C4    N4     sing N N 108 
DC  C4    C5     sing N N 109 
DC  N4    H41    sing N N 110 
DC  N4    H42    sing N N 111 
DC  C5    C6     doub N N 112 
DC  C5    H5     sing N N 113 
DC  C6    H6     sing N N 114 
DG  OP3   P      sing N N 115 
DG  OP3   HOP3   sing N N 116 
DG  P     OP1    doub N N 117 
DG  P     OP2    sing N N 118 
DG  P     "O5'"  sing N N 119 
DG  OP2   HOP2   sing N N 120 
DG  "O5'" "C5'"  sing N N 121 
DG  "C5'" "C4'"  sing N N 122 
DG  "C5'" "H5'"  sing N N 123 
DG  "C5'" "H5''" sing N N 124 
DG  "C4'" "O4'"  sing N N 125 
DG  "C4'" "C3'"  sing N N 126 
DG  "C4'" "H4'"  sing N N 127 
DG  "O4'" "C1'"  sing N N 128 
DG  "C3'" "O3'"  sing N N 129 
DG  "C3'" "C2'"  sing N N 130 
DG  "C3'" "H3'"  sing N N 131 
DG  "O3'" "HO3'" sing N N 132 
DG  "C2'" "C1'"  sing N N 133 
DG  "C2'" "H2'"  sing N N 134 
DG  "C2'" "H2''" sing N N 135 
DG  "C1'" N9     sing N N 136 
DG  "C1'" "H1'"  sing N N 137 
DG  N9    C8     sing Y N 138 
DG  N9    C4     sing Y N 139 
DG  C8    N7     doub Y N 140 
DG  C8    H8     sing N N 141 
DG  N7    C5     sing Y N 142 
DG  C5    C6     sing N N 143 
DG  C5    C4     doub Y N 144 
DG  C6    O6     doub N N 145 
DG  C6    N1     sing N N 146 
DG  N1    C2     sing N N 147 
DG  N1    H1     sing N N 148 
DG  C2    N2     sing N N 149 
DG  C2    N3     doub N N 150 
DG  N2    H21    sing N N 151 
DG  N2    H22    sing N N 152 
DG  N3    C4     sing N N 153 
DT  OP3   P      sing N N 154 
DT  OP3   HOP3   sing N N 155 
DT  P     OP1    doub N N 156 
DT  P     OP2    sing N N 157 
DT  P     "O5'"  sing N N 158 
DT  OP2   HOP2   sing N N 159 
DT  "O5'" "C5'"  sing N N 160 
DT  "C5'" "C4'"  sing N N 161 
DT  "C5'" "H5'"  sing N N 162 
DT  "C5'" "H5''" sing N N 163 
DT  "C4'" "O4'"  sing N N 164 
DT  "C4'" "C3'"  sing N N 165 
DT  "C4'" "H4'"  sing N N 166 
DT  "O4'" "C1'"  sing N N 167 
DT  "C3'" "O3'"  sing N N 168 
DT  "C3'" "C2'"  sing N N 169 
DT  "C3'" "H3'"  sing N N 170 
DT  "O3'" "HO3'" sing N N 171 
DT  "C2'" "C1'"  sing N N 172 
DT  "C2'" "H2'"  sing N N 173 
DT  "C2'" "H2''" sing N N 174 
DT  "C1'" N1     sing N N 175 
DT  "C1'" "H1'"  sing N N 176 
DT  N1    C2     sing N N 177 
DT  N1    C6     sing N N 178 
DT  C2    O2     doub N N 179 
DT  C2    N3     sing N N 180 
DT  N3    C4     sing N N 181 
DT  N3    H3     sing N N 182 
DT  C4    O4     doub N N 183 
DT  C4    C5     sing N N 184 
DT  C5    C7     sing N N 185 
DT  C5    C6     doub N N 186 
DT  C7    H71    sing N N 187 
DT  C7    H72    sing N N 188 
DT  C7    H73    sing N N 189 
DT  C6    H6     sing N N 190 
HOH O     H1     sing N N 191 
HOH O     H2     sing N N 192 
HT  O1    C1     sing N N 193 
HT  O1    HO1    sing N N 194 
HT  C1    C2     doub Y N 195 
HT  C1    C6     sing Y N 196 
HT  C2    C3     sing Y N 197 
HT  C2    H2     sing N N 198 
HT  C3    C4     doub Y N 199 
HT  C3    H3     sing N N 200 
HT  C4    C5     sing Y N 201 
HT  C4    C7     sing Y N 202 
HT  C5    C6     doub Y N 203 
HT  C5    H5     sing N N 204 
HT  C6    H6     sing N N 205 
HT  C7    N1     sing Y N 206 
HT  C7    N2     doub Y N 207 
HT  N1    C8     sing Y N 208 
HT  N1    HN1    sing N N 209 
HT  C8    C9     doub Y N 210 
HT  C8    C13    sing Y N 211 
HT  C9    N2     sing Y N 212 
HT  C9    C10    sing Y N 213 
HT  C10   C11    doub Y N 214 
HT  C10   H10    sing N N 215 
HT  C11   C12    sing Y N 216 
HT  C11   H11    sing N N 217 
HT  C12   C13    doub Y N 218 
HT  C12   C14    sing Y N 219 
HT  C13   H13    sing N N 220 
HT  C14   N3     sing Y N 221 
HT  C14   N4     doub Y N 222 
HT  N3    C15    sing Y N 223 
HT  N3    HN3    sing N N 224 
HT  C15   C16    doub Y N 225 
HT  C15   C20    sing Y N 226 
HT  C16   N4     sing Y N 227 
HT  C16   C17    sing Y N 228 
HT  C17   C18    doub Y N 229 
HT  C17   H17    sing N N 230 
HT  C18   C19    sing Y N 231 
HT  C18   H18    sing N N 232 
HT  C19   C20    doub Y N 233 
HT  C19   N5     sing N N 234 
HT  C20   H20    sing N N 235 
HT  N5    C21    sing N N 236 
HT  N5    C24    sing N N 237 
HT  C21   C22    sing N N 238 
HT  C21   H211   sing N N 239 
HT  C21   H212   sing N N 240 
HT  C22   N6     sing N N 241 
HT  C22   H221   sing N N 242 
HT  C22   H222   sing N N 243 
HT  N6    C23    sing N N 244 
HT  N6    C25    sing N N 245 
HT  C23   C24    sing N N 246 
HT  C23   H231   sing N N 247 
HT  C23   H232   sing N N 248 
HT  C24   H241   sing N N 249 
HT  C24   H242   sing N N 250 
HT  C25   H253   sing N N 251 
HT  C25   H252   sing N N 252 
HT  C25   H251   sing N N 253 
# 
loop_
_ndb_struct_conf_na.entry_id 
_ndb_struct_conf_na.feature 
3N4O 'double helix'         
3N4O 'b-form double helix'  
3N4O 'mismatched base pair' 
# 
loop_
_ndb_struct_na_base_pair.model_number 
_ndb_struct_na_base_pair.i_label_asym_id 
_ndb_struct_na_base_pair.i_label_comp_id 
_ndb_struct_na_base_pair.i_label_seq_id 
_ndb_struct_na_base_pair.i_symmetry 
_ndb_struct_na_base_pair.j_label_asym_id 
_ndb_struct_na_base_pair.j_label_comp_id 
_ndb_struct_na_base_pair.j_label_seq_id 
_ndb_struct_na_base_pair.j_symmetry 
_ndb_struct_na_base_pair.shear 
_ndb_struct_na_base_pair.stretch 
_ndb_struct_na_base_pair.stagger 
_ndb_struct_na_base_pair.buckle 
_ndb_struct_na_base_pair.propeller 
_ndb_struct_na_base_pair.opening 
_ndb_struct_na_base_pair.pair_number 
_ndb_struct_na_base_pair.pair_name 
_ndb_struct_na_base_pair.i_auth_asym_id 
_ndb_struct_na_base_pair.i_auth_seq_id 
_ndb_struct_na_base_pair.i_PDB_ins_code 
_ndb_struct_na_base_pair.j_auth_asym_id 
_ndb_struct_na_base_pair.j_auth_seq_id 
_ndb_struct_na_base_pair.j_PDB_ins_code 
_ndb_struct_na_base_pair.hbond_type_28 
_ndb_struct_na_base_pair.hbond_type_12 
1 A DC 1  1_555 B DG 12 1_555 0.142  -0.166 -0.045 -3.081 -1.728  -2.722 1  D_DC1:DG24_E  D 1  ? E 24 ? 19 1 
1 A DG 2  1_555 B DC 11 1_555 -0.024 -0.282 0.084  -1.866 -11.094 -6.598 2  D_DG2:DC23_E  D 2  ? E 23 ? 19 1 
1 A DC 3  1_555 B DG 10 1_555 0.027  -0.143 0.288  -2.603 -0.652  -2.444 3  D_DC3:DG22_E  D 3  ? E 22 ? 19 1 
1 A DG 4  1_555 B DC 9  1_555 -0.255 -0.194 0.113  8.578  -1.951  -2.780 4  D_DG4:DC21_E  D 4  ? E 21 ? 19 1 
1 A DA 6  1_555 B DT 7  1_555 -0.139 -0.135 -0.136 1.596  -18.110 5.261  5  D_DA6:DT19_E  D 6  ? E 19 ? 20 1 
1 A DT 7  1_555 B DA 6  1_555 0.016  -0.148 0.384  -3.106 -16.755 0.654  6  D_DT7:DA18_E  D 7  ? E 18 ? 20 1 
1 A DC 9  1_555 B DG 4  1_555 0.021  -0.143 -0.339 -7.445 -1.109  -3.049 7  D_DC9:DG16_E  D 9  ? E 16 ? 19 1 
1 A DG 10 1_555 B DC 3  1_555 -0.107 -0.263 -0.061 2.179  1.254   -1.059 8  D_DG10:DC15_E D 10 ? E 15 ? 19 1 
1 A DC 11 1_555 B DG 2  1_555 0.007  -0.233 0.584  -5.027 -13.017 -8.654 9  D_DC11:DG14_E D 11 ? E 14 ? 19 1 
1 A DG 12 1_555 B DC 1  1_555 -0.024 -0.019 0.259  15.574 7.892   -2.873 10 D_DG12:DC13_E D 12 ? E 13 ? 19 1 
# 
loop_
_ndb_struct_na_base_pair_step.model_number 
_ndb_struct_na_base_pair_step.i_label_asym_id_1 
_ndb_struct_na_base_pair_step.i_label_comp_id_1 
_ndb_struct_na_base_pair_step.i_label_seq_id_1 
_ndb_struct_na_base_pair_step.i_symmetry_1 
_ndb_struct_na_base_pair_step.j_label_asym_id_1 
_ndb_struct_na_base_pair_step.j_label_comp_id_1 
_ndb_struct_na_base_pair_step.j_label_seq_id_1 
_ndb_struct_na_base_pair_step.j_symmetry_1 
_ndb_struct_na_base_pair_step.i_label_asym_id_2 
_ndb_struct_na_base_pair_step.i_label_comp_id_2 
_ndb_struct_na_base_pair_step.i_label_seq_id_2 
_ndb_struct_na_base_pair_step.i_symmetry_2 
_ndb_struct_na_base_pair_step.j_label_asym_id_2 
_ndb_struct_na_base_pair_step.j_label_comp_id_2 
_ndb_struct_na_base_pair_step.j_label_seq_id_2 
_ndb_struct_na_base_pair_step.j_symmetry_2 
_ndb_struct_na_base_pair_step.shift 
_ndb_struct_na_base_pair_step.slide 
_ndb_struct_na_base_pair_step.rise 
_ndb_struct_na_base_pair_step.tilt 
_ndb_struct_na_base_pair_step.roll 
_ndb_struct_na_base_pair_step.twist 
_ndb_struct_na_base_pair_step.x_displacement 
_ndb_struct_na_base_pair_step.y_displacement 
_ndb_struct_na_base_pair_step.helical_rise 
_ndb_struct_na_base_pair_step.inclination 
_ndb_struct_na_base_pair_step.tip 
_ndb_struct_na_base_pair_step.helical_twist 
_ndb_struct_na_base_pair_step.step_number 
_ndb_struct_na_base_pair_step.step_name 
_ndb_struct_na_base_pair_step.i_auth_asym_id_1 
_ndb_struct_na_base_pair_step.i_auth_seq_id_1 
_ndb_struct_na_base_pair_step.i_PDB_ins_code_1 
_ndb_struct_na_base_pair_step.j_auth_asym_id_1 
_ndb_struct_na_base_pair_step.j_auth_seq_id_1 
_ndb_struct_na_base_pair_step.j_PDB_ins_code_1 
_ndb_struct_na_base_pair_step.i_auth_asym_id_2 
_ndb_struct_na_base_pair_step.i_auth_seq_id_2 
_ndb_struct_na_base_pair_step.i_PDB_ins_code_2 
_ndb_struct_na_base_pair_step.j_auth_asym_id_2 
_ndb_struct_na_base_pair_step.j_auth_seq_id_2 
_ndb_struct_na_base_pair_step.j_PDB_ins_code_2 
1 A DC 1  1_555 B DG 12 1_555 A DG 2  1_555 B DC 11 1_555 -0.486 0.173  3.277 0.086  4.564  39.052 -0.287 0.733  3.275 6.798  
-0.127 39.308 1 DD_DC1DG2:DC23DG24_EE   D 1  ? E 24 ? D 2  ? E 23 ? 
1 A DG 2  1_555 B DC 11 1_555 A DC 3  1_555 B DG 10 1_555 0.829  0.286  3.436 0.140  -4.739 35.329 1.187  -1.333 3.374 -7.765 
-0.229 35.635 2 DD_DG2DC3:DG22DC23_EE   D 2  ? E 23 ? D 3  ? E 22 ? 
1 A DC 3  1_555 B DG 10 1_555 A DG 4  1_555 B DC 9  1_555 0.038  0.839  3.052 3.134  4.603  28.191 0.704  0.596  3.132 9.334  
-6.355 28.724 3 DD_DC3DG4:DC21DG22_EE   D 3  ? E 22 ? D 4  ? E 21 ? 
1 A DG 4  1_555 B DC 9  1_555 A DA 6  1_555 B DT 7  1_555 -0.332 -0.200 6.695 -0.012 7.884  75.246 -0.648 0.270  6.651 6.440  
0.010  75.597 4 DD_DG4DA6:DT19DC21_EE   D 4  ? E 21 ? D 6  ? E 19 ? 
1 A DA 6  1_555 B DT 7  1_555 A DT 7  1_555 B DA 6  1_555 0.215  -0.635 3.381 -3.294 -2.396 34.630 -0.683 -0.877 3.382 -4.008 
5.509  34.861 5 DD_DA6DT7:DA18DT19_EE   D 6  ? E 19 ? D 7  ? E 18 ? 
1 A DT 7  1_555 B DA 6  1_555 A DC 9  1_555 B DG 4  1_555 -0.082 0.018  6.473 8.971  3.290  74.128 -0.187 0.616  6.426 2.718  
-7.413 74.654 6 DD_DT7DC9:DG16DA18_EE   D 7  ? E 18 ? D 9  ? E 16 ? 
1 A DC 9  1_555 B DG 4  1_555 A DG 10 1_555 B DC 3  1_555 0.100  1.152  3.243 -3.070 1.708  30.998 1.818  -0.769 3.276 3.183  
5.721  31.192 7 DD_DC9DG10:DC15DG16_EE  D 9  ? E 16 ? D 10 ? E 15 ? 
1 A DG 10 1_555 B DC 3  1_555 A DC 11 1_555 B DG 2  1_555 -1.240 0.404  3.520 -5.961 -3.048 36.359 1.090  1.071  3.627 -4.833 
9.454  36.950 8 DD_DG10DC11:DG14DC15_EE D 10 ? E 15 ? D 11 ? E 14 ? 
1 A DC 11 1_555 B DG 2  1_555 A DG 12 1_555 B DC 1  1_555 0.851  0.417  2.922 0.491  -3.117 37.922 0.992  -1.249 2.890 -4.786 
-0.754 38.048 9 DD_DC11DG12:DC13DG14_EE D 11 ? E 14 ? D 12 ? E 13 ? 
# 
loop_
_pdbx_entity_nonpoly.entity_id 
_pdbx_entity_nonpoly.name 
_pdbx_entity_nonpoly.comp_id 
2 "2'-(4-HYDROXYPHENYL)-5-(4-METHYL-1-PIPERAZINYL)-2,5'-BI-BENZIMIDAZOLE" HT  
3 water                                                                   HOH 
# 
_pdbx_initial_refinement_model.id               1 
_pdbx_initial_refinement_model.entity_id_list   ? 
_pdbx_initial_refinement_model.type             'experimental model' 
_pdbx_initial_refinement_model.source_name      PDB 
_pdbx_initial_refinement_model.accession_code   1DNH 
_pdbx_initial_refinement_model.details          ? 
# 
